data_6FOA
#
_entry.id   6FOA
#
_cell.length_a   67.283
_cell.length_b   86.777
_cell.length_c   153.257
_cell.angle_alpha   90.000
_cell.angle_beta   90.000
_cell.angle_gamma   90.000
#
_symmetry.space_group_name_H-M   'P 21 21 21'
#
loop_
_entity.id
_entity.type
_entity.pdbx_description
1 polymer 'Xylosyltransferase 1'
2 non-polymer 2-acetamido-2-deoxy-beta-D-glucopyranose
3 non-polymer 'SODIUM ION'
4 non-polymer 'PHOSPHATE ION'
5 water water
#
_entity_poly.entity_id   1
_entity_poly.type   'polypeptide(L)'
_entity_poly.pdbx_seq_one_letter_code
;APLVHHHHHHALDENLYFQGALADVSRPPHARKTGGSSPETKYDQPPKCDISGKEAISALSRAKSKHCRQEIGETYCRHK
LGLLMPEKVTRFCPLEGKANKNVQWDEDSVEYMPANPVRIAFVLVVHGRASRQLQRMFKAIYHKDHFYYIHVDKRSNYLH
RQVLQVSRQYSNVRVTPWRMATIWGGASLLSTYLQSMRDLLEMTDWPWDFFINLSAADYPIRTNDQLVAFLSRYRDMNFL
KSHGRDNARFIRKQGLDRLFLECDAHMWRLGDRRIPEGIAVDGGSDWFLLNRRFVEYVTFSTDDLVTKMKQFYSYTLLPA
ESFFHTVLENSPHCDTMVDNNLRITNWNRKLGCKCQYKHIVDWCGCSPNDFKPQDFHRFQQTARPTFFARKFEAVVNQEI
IGQLDYYLYGNYPAGTPGLRSYWENVYDEPDGIHSLSDVTLTLYHSFARLGLRRAETSLHTDGENSCRYYPMGHPASVHL
YFLADRFQGFLIKHHATNLAVSKLETLETWVMPKKVFKIASPPSDFGRLQFSEVGTDWDAKERLFRNFGGLLGPMDEPVG
MQKWGKGPNVTVTVIWVDPVNVIAATYDILIESTAEFTHYKPPLNLPLRPGVWTVKILHHWVPVAETKFLVAPLTFSNRQ
PIKPEEALKLHNGPLRNAYMEQSFQSLNPVLSLPINPAQVEQARRNAASTGTALEGWLDSLVGGMWTAMDICATGPTACP
VMQTCSQTAWSSFSPDPKSELGAVKPDGRLR
;
_entity_poly.pdbx_strand_id   A
#
loop_
_chem_comp.id
_chem_comp.type
_chem_comp.name
_chem_comp.formula
NA non-polymer 'SODIUM ION' 'Na 1'
NAG D-saccharide, beta linking 2-acetamido-2-deoxy-beta-D-glucopyranose 'C8 H15 N O6'
PO4 non-polymer 'PHOSPHATE ION' 'O4 P -3'
#
# COMPACT_ATOMS: atom_id res chain seq x y z
N GLN A 45 -5.86 -37.94 -1.48
CA GLN A 45 -6.28 -38.76 -0.35
C GLN A 45 -7.60 -38.25 0.23
N PRO A 46 -8.43 -39.15 0.75
CA PRO A 46 -9.73 -38.74 1.27
C PRO A 46 -9.62 -38.27 2.70
N PRO A 47 -10.63 -37.55 3.20
CA PRO A 47 -10.54 -36.98 4.55
C PRO A 47 -10.76 -38.04 5.62
N LYS A 48 -10.52 -37.64 6.88
CA LYS A 48 -10.70 -38.52 8.02
C LYS A 48 -12.15 -38.61 8.46
N CYS A 49 -13.03 -37.75 7.95
CA CYS A 49 -14.45 -37.78 8.28
C CYS A 49 -15.22 -37.21 7.10
N ASP A 50 -16.49 -37.62 6.98
CA ASP A 50 -17.35 -37.04 5.95
C ASP A 50 -17.42 -35.53 6.11
N ILE A 51 -17.18 -34.82 5.02
CA ILE A 51 -17.18 -33.35 5.01
C ILE A 51 -18.41 -32.89 4.24
N SER A 52 -19.38 -32.31 4.96
CA SER A 52 -20.65 -31.91 4.36
C SER A 52 -20.99 -30.45 4.53
N GLY A 53 -20.30 -29.71 5.39
CA GLY A 53 -20.57 -28.30 5.55
C GLY A 53 -20.28 -27.51 4.29
N LYS A 54 -21.25 -26.68 3.88
CA LYS A 54 -21.12 -25.98 2.60
C LYS A 54 -19.90 -25.06 2.59
N GLU A 55 -19.59 -24.40 3.71
CA GLU A 55 -18.44 -23.51 3.74
C GLU A 55 -17.13 -24.26 3.58
N ALA A 56 -17.00 -25.42 4.24
CA ALA A 56 -15.76 -26.20 4.12
C ALA A 56 -15.60 -26.77 2.72
N ILE A 57 -16.70 -27.22 2.12
CA ILE A 57 -16.64 -27.72 0.74
C ILE A 57 -16.19 -26.61 -0.21
N SER A 58 -16.71 -25.39 0.00
CA SER A 58 -16.31 -24.27 -0.86
C SER A 58 -14.83 -23.94 -0.68
N ALA A 59 -14.33 -24.00 0.56
CA ALA A 59 -12.91 -23.76 0.79
C ALA A 59 -12.05 -24.83 0.11
N LEU A 60 -12.39 -26.10 0.30
CA LEU A 60 -11.63 -27.18 -0.30
C LEU A 60 -11.60 -27.08 -1.82
N SER A 61 -12.68 -26.57 -2.42
CA SER A 61 -12.74 -26.45 -3.87
C SER A 61 -11.95 -25.24 -4.39
N ARG A 62 -11.63 -24.27 -3.54
CA ARG A 62 -10.88 -23.10 -3.96
C ARG A 62 -9.41 -23.12 -3.53
N ALA A 63 -9.04 -24.03 -2.62
CA ALA A 63 -7.68 -24.06 -2.10
C ALA A 63 -6.72 -24.63 -3.13
N LYS A 64 -5.57 -23.97 -3.30
CA LYS A 64 -4.65 -24.30 -4.38
C LYS A 64 -3.68 -25.42 -4.03
N SER A 65 -3.23 -25.52 -2.79
CA SER A 65 -2.20 -26.46 -2.41
C SER A 65 -2.79 -27.67 -1.69
N LYS A 66 -2.13 -28.82 -1.87
CA LYS A 66 -2.55 -30.03 -1.17
C LYS A 66 -2.41 -29.86 0.34
N HIS A 67 -1.35 -29.18 0.77
CA HIS A 67 -1.17 -28.94 2.20
C HIS A 67 -2.37 -28.22 2.79
N CYS A 68 -2.85 -27.18 2.09
CA CYS A 68 -3.95 -26.39 2.59
C CYS A 68 -5.25 -27.20 2.62
N ARG A 69 -5.46 -28.05 1.61
CA ARG A 69 -6.65 -28.90 1.61
C ARG A 69 -6.64 -29.85 2.79
N GLN A 70 -5.49 -30.46 3.08
CA GLN A 70 -5.42 -31.41 4.19
C GLN A 70 -5.65 -30.71 5.53
N GLU A 71 -5.13 -29.49 5.69
CA GLU A 71 -5.32 -28.78 6.94
C GLU A 71 -6.76 -28.29 7.10
N ILE A 72 -7.39 -27.86 6.01
CA ILE A 72 -8.80 -27.52 6.05
C ILE A 72 -9.61 -28.72 6.54
N GLY A 73 -9.39 -29.88 5.94
CA GLY A 73 -10.14 -31.06 6.35
C GLY A 73 -9.84 -31.49 7.77
N GLU A 74 -8.58 -31.41 8.19
CA GLU A 74 -8.21 -31.80 9.54
C GLU A 74 -8.86 -30.89 10.57
N THR A 75 -8.92 -29.59 10.29
CA THR A 75 -9.55 -28.64 11.20
C THR A 75 -11.05 -28.88 11.29
N TYR A 76 -11.70 -29.03 10.14
CA TYR A 76 -13.15 -29.27 10.11
C TYR A 76 -13.52 -30.53 10.88
N CYS A 77 -12.77 -31.62 10.69
CA CYS A 77 -13.14 -32.88 11.33
C CYS A 77 -12.90 -32.82 12.83
N ARG A 78 -11.82 -32.17 13.26
CA ARG A 78 -11.61 -31.94 14.69
C ARG A 78 -12.80 -31.23 15.32
N HIS A 79 -13.25 -30.13 14.69
CA HIS A 79 -14.37 -29.36 15.21
C HIS A 79 -15.66 -30.17 15.20
N LYS A 80 -15.86 -31.00 14.17
CA LYS A 80 -17.07 -31.80 14.06
C LYS A 80 -17.22 -32.77 15.22
N LEU A 81 -16.10 -33.24 15.76
CA LEU A 81 -16.10 -34.12 16.93
C LEU A 81 -16.16 -33.34 18.24
N GLY A 82 -16.12 -32.01 18.20
CA GLY A 82 -16.16 -31.23 19.42
C GLY A 82 -14.85 -31.17 20.18
N LEU A 83 -13.71 -31.36 19.51
CA LEU A 83 -12.42 -31.43 20.17
C LEU A 83 -11.48 -30.28 19.80
N LEU A 84 -11.96 -29.29 19.05
CA LEU A 84 -11.12 -28.16 18.66
C LEU A 84 -11.32 -26.92 19.53
N MET A 85 -12.58 -26.57 19.82
CA MET A 85 -12.90 -25.30 20.50
C MET A 85 -13.34 -25.53 21.93
N PRO A 86 -12.96 -24.64 22.86
CA PRO A 86 -13.53 -24.73 24.21
C PRO A 86 -14.97 -24.23 24.23
N GLU A 87 -15.76 -24.79 25.13
CA GLU A 87 -17.15 -24.37 25.27
C GLU A 87 -17.51 -23.85 26.66
N LYS A 88 -16.61 -23.92 27.64
CA LYS A 88 -16.80 -23.20 28.89
C LYS A 88 -15.43 -22.78 29.43
N VAL A 89 -15.37 -21.57 29.98
CA VAL A 89 -14.11 -20.96 30.39
C VAL A 89 -14.32 -20.30 31.75
N THR A 90 -13.29 -20.37 32.60
CA THR A 90 -13.37 -19.76 33.93
C THR A 90 -13.12 -18.26 33.85
N ARG A 91 -13.91 -17.51 34.61
CA ARG A 91 -13.74 -16.07 34.75
C ARG A 91 -13.13 -15.79 36.13
N PHE A 92 -12.01 -15.06 36.13
CA PHE A 92 -11.29 -14.73 37.35
C PHE A 92 -11.53 -13.31 37.83
N CYS A 93 -12.14 -12.46 37.03
CA CYS A 93 -12.40 -11.09 37.45
C CYS A 93 -13.41 -11.09 38.59
N PRO A 94 -13.15 -10.38 39.69
CA PRO A 94 -14.14 -10.29 40.78
C PRO A 94 -15.21 -9.23 40.60
N LEU A 95 -15.21 -8.48 39.50
CA LEU A 95 -16.19 -7.43 39.29
C LEU A 95 -17.47 -8.00 38.68
N GLU A 96 -18.58 -7.30 38.92
CA GLU A 96 -19.85 -7.68 38.31
C GLU A 96 -19.79 -7.55 36.80
N GLY A 97 -19.24 -6.44 36.31
CA GLY A 97 -19.14 -6.20 34.89
C GLY A 97 -17.79 -5.65 34.47
N LYS A 98 -17.80 -4.52 33.76
CA LYS A 98 -16.58 -3.85 33.33
C LYS A 98 -16.26 -2.69 34.27
N ALA A 99 -15.00 -2.24 34.20
CA ALA A 99 -14.49 -1.25 35.15
C ALA A 99 -14.48 0.17 34.58
N ASN A 100 -13.98 0.35 33.36
CA ASN A 100 -13.93 1.65 32.71
C ASN A 100 -13.42 2.74 33.66
N LYS A 101 -12.16 2.59 34.06
CA LYS A 101 -11.49 3.59 34.87
C LYS A 101 -11.22 4.84 34.03
N TRP A 105 -9.61 14.71 32.36
CA TRP A 105 -8.59 15.12 31.40
C TRP A 105 -8.34 16.62 31.47
N ASP A 106 -7.20 17.01 32.05
CA ASP A 106 -6.77 18.39 32.12
C ASP A 106 -5.53 18.55 31.26
N GLU A 107 -5.62 19.39 30.22
CA GLU A 107 -4.54 19.50 29.24
C GLU A 107 -3.20 19.85 29.88
N ASP A 108 -3.21 20.43 31.09
CA ASP A 108 -1.98 20.83 31.76
C ASP A 108 -1.33 19.73 32.57
N SER A 109 -1.95 18.55 32.66
CA SER A 109 -1.42 17.46 33.48
C SER A 109 -0.26 16.73 32.81
N VAL A 110 -0.02 16.93 31.52
CA VAL A 110 1.09 16.28 30.83
C VAL A 110 2.31 17.20 30.74
N GLU A 111 2.37 18.24 31.57
CA GLU A 111 3.45 19.21 31.50
C GLU A 111 4.48 19.06 32.63
N TYR A 112 4.19 18.27 33.65
CA TYR A 112 5.13 18.07 34.74
C TYR A 112 6.31 17.20 34.27
N MET A 113 7.32 17.10 35.13
CA MET A 113 8.52 16.32 34.84
C MET A 113 8.61 15.13 35.77
N PRO A 114 8.55 13.88 35.29
CA PRO A 114 8.56 12.73 36.21
C PRO A 114 9.94 12.40 36.73
N ALA A 115 9.98 11.97 37.99
CA ALA A 115 11.23 11.50 38.61
C ALA A 115 11.59 10.09 38.16
N ASN A 116 10.61 9.28 37.79
CA ASN A 116 10.81 7.88 37.39
C ASN A 116 10.10 7.63 36.07
N PRO A 117 10.62 8.19 34.98
CA PRO A 117 9.91 8.10 33.70
C PRO A 117 9.88 6.68 33.15
N VAL A 118 8.74 6.32 32.54
CA VAL A 118 8.60 5.01 31.92
C VAL A 118 9.53 4.90 30.71
N ARG A 119 9.96 3.68 30.43
CA ARG A 119 10.68 3.34 29.21
C ARG A 119 9.78 2.44 28.37
N ILE A 120 9.63 2.79 27.09
CA ILE A 120 8.60 2.24 26.22
C ILE A 120 9.22 1.29 25.21
N ALA A 121 8.58 0.13 25.03
CA ALA A 121 8.91 -0.79 23.96
C ALA A 121 7.91 -0.60 22.83
N PHE A 122 8.37 -0.04 21.71
CA PHE A 122 7.57 0.11 20.51
C PHE A 122 7.76 -1.12 19.63
N VAL A 123 6.64 -1.75 19.24
CA VAL A 123 6.66 -2.84 18.26
C VAL A 123 6.08 -2.29 16.96
N LEU A 124 6.93 -2.19 15.94
CA LEU A 124 6.51 -1.66 14.64
C LEU A 124 6.22 -2.84 13.71
N VAL A 125 4.98 -2.95 13.26
CA VAL A 125 4.56 -4.00 12.34
C VAL A 125 4.30 -3.35 10.99
N VAL A 126 5.22 -3.56 10.05
CA VAL A 126 5.27 -2.76 8.84
C VAL A 126 5.29 -3.65 7.59
N HIS A 127 4.85 -3.06 6.48
CA HIS A 127 4.86 -3.72 5.19
C HIS A 127 4.83 -2.66 4.09
N GLY A 128 5.13 -3.08 2.88
CA GLY A 128 5.04 -2.20 1.70
C GLY A 128 6.37 -1.58 1.30
N ARG A 129 6.26 -0.43 0.62
CA ARG A 129 7.41 0.23 0.01
C ARG A 129 7.83 1.54 0.67
N ALA A 130 7.07 2.07 1.65
CA ALA A 130 7.23 3.48 2.05
C ALA A 130 8.31 3.65 3.12
N SER A 131 9.54 3.28 2.73
CA SER A 131 10.63 3.23 3.69
C SER A 131 11.00 4.63 4.21
N ARG A 132 10.97 5.64 3.33
CA ARG A 132 11.37 6.97 3.77
C ARG A 132 10.34 7.60 4.72
N GLN A 133 9.06 7.28 4.55
CA GLN A 133 8.06 7.74 5.50
C GLN A 133 8.21 7.03 6.84
N LEU A 134 8.50 5.72 6.82
CA LEU A 134 8.77 5.01 8.07
C LEU A 134 9.96 5.62 8.80
N GLN A 135 11.02 5.99 8.06
CA GLN A 135 12.18 6.61 8.67
C GLN A 135 11.82 7.96 9.28
N ARG A 136 10.95 8.73 8.61
CA ARG A 136 10.52 10.01 9.13
C ARG A 136 9.73 9.85 10.42
N MET A 137 8.82 8.86 10.48
CA MET A 137 8.05 8.63 11.70
C MET A 137 8.94 8.12 12.82
N PHE A 138 9.86 7.21 12.51
CA PHE A 138 10.83 6.73 13.48
C PHE A 138 11.63 7.88 14.08
N LYS A 139 12.04 8.83 13.24
CA LYS A 139 12.76 10.01 13.73
C LYS A 139 11.91 10.80 14.73
N ALA A 140 10.61 10.90 14.49
CA ALA A 140 9.73 11.65 15.39
C ALA A 140 9.58 10.97 16.75
N ILE A 141 9.48 9.63 16.78
CA ILE A 141 9.18 8.92 18.02
C ILE A 141 10.43 8.43 18.76
N TYR A 142 11.63 8.65 18.21
CA TYR A 142 12.84 8.08 18.79
C TYR A 142 13.27 8.84 20.05
N HIS A 143 13.63 8.09 21.09
CA HIS A 143 14.41 8.60 22.22
C HIS A 143 15.33 7.47 22.69
N LYS A 144 16.51 7.85 23.20
CA LYS A 144 17.54 6.87 23.53
C LYS A 144 17.14 5.93 24.67
N ASP A 145 16.18 6.32 25.51
CA ASP A 145 15.79 5.50 26.65
C ASP A 145 14.64 4.53 26.33
N HIS A 146 14.12 4.55 25.11
CA HIS A 146 13.09 3.61 24.70
C HIS A 146 13.72 2.46 23.92
N PHE A 147 12.86 1.56 23.41
CA PHE A 147 13.28 0.38 22.67
C PHE A 147 12.35 0.18 21.46
N TYR A 148 12.91 -0.30 20.35
CA TYR A 148 12.17 -0.44 19.09
C TYR A 148 12.43 -1.83 18.50
N TYR A 149 11.35 -2.61 18.32
CA TYR A 149 11.41 -3.98 17.81
C TYR A 149 10.51 -4.06 16.58
N ILE A 150 11.11 -4.37 15.42
CA ILE A 150 10.48 -4.11 14.13
C ILE A 150 10.24 -5.43 13.41
N HIS A 151 8.96 -5.73 13.14
CA HIS A 151 8.57 -6.89 12.36
C HIS A 151 8.21 -6.44 10.95
N VAL A 152 8.95 -6.95 9.96
CA VAL A 152 8.71 -6.62 8.56
C VAL A 152 8.06 -7.81 7.87
N ASP A 153 6.89 -7.59 7.28
CA ASP A 153 6.16 -8.62 6.54
C ASP A 153 7.10 -9.41 5.64
N LYS A 154 6.95 -10.75 5.68
CA LYS A 154 7.84 -11.63 4.94
C LYS A 154 7.85 -11.30 3.45
N ARG A 155 6.78 -10.72 2.93
CA ARG A 155 6.66 -10.43 1.51
C ARG A 155 7.29 -9.10 1.11
N SER A 156 7.81 -8.33 2.06
CA SER A 156 8.32 -6.98 1.80
C SER A 156 9.84 -6.95 1.99
N ASN A 157 10.56 -7.61 1.08
CA ASN A 157 12.00 -7.76 1.26
C ASN A 157 12.75 -6.43 1.10
N TYR A 158 12.33 -5.57 0.17
CA TYR A 158 12.98 -4.25 0.06
C TYR A 158 12.92 -3.50 1.38
N LEU A 159 11.73 -3.39 1.98
CA LEU A 159 11.58 -2.67 3.23
C LEU A 159 12.44 -3.29 4.32
N HIS A 160 12.56 -4.62 4.35
CA HIS A 160 13.36 -5.28 5.36
C HIS A 160 14.83 -4.88 5.26
N ARG A 161 15.37 -4.82 4.04
CA ARG A 161 16.75 -4.38 3.85
C ARG A 161 16.94 -2.95 4.38
N GLN A 162 15.97 -2.07 4.16
CA GLN A 162 16.10 -0.70 4.64
C GLN A 162 16.04 -0.66 6.16
N VAL A 163 15.19 -1.50 6.77
CA VAL A 163 15.07 -1.52 8.23
C VAL A 163 16.34 -2.08 8.87
N LEU A 164 16.96 -3.08 8.23
CA LEU A 164 18.21 -3.62 8.78
C LEU A 164 19.27 -2.53 8.93
N GLN A 165 19.32 -1.58 7.99
CA GLN A 165 20.30 -0.51 8.08
C GLN A 165 20.03 0.37 9.31
N VAL A 166 18.76 0.50 9.70
CA VAL A 166 18.43 1.27 10.90
C VAL A 166 18.85 0.50 12.15
N SER A 167 18.54 -0.80 12.21
CA SER A 167 18.86 -1.57 13.40
C SER A 167 20.36 -1.70 13.62
N ARG A 168 21.16 -1.64 12.54
CA ARG A 168 22.60 -1.72 12.70
C ARG A 168 23.21 -0.44 13.28
N GLN A 169 22.52 0.70 13.17
CA GLN A 169 23.07 1.95 13.67
C GLN A 169 22.84 2.17 15.16
N TYR A 170 21.75 1.63 15.72
CA TYR A 170 21.31 2.00 17.06
C TYR A 170 21.19 0.76 17.94
N SER A 171 21.75 0.84 19.15
CA SER A 171 21.75 -0.30 20.06
C SER A 171 20.37 -0.62 20.62
N ASN A 172 19.46 0.34 20.65
CA ASN A 172 18.12 0.10 21.15
C ASN A 172 17.11 -0.19 20.04
N VAL A 173 17.58 -0.63 18.88
CA VAL A 173 16.71 -1.03 17.77
C VAL A 173 17.09 -2.45 17.35
N ARG A 174 16.09 -3.33 17.25
CA ARG A 174 16.27 -4.70 16.82
C ARG A 174 15.16 -5.09 15.85
N VAL A 175 15.43 -6.08 15.00
CA VAL A 175 14.46 -6.60 14.05
C VAL A 175 14.10 -8.03 14.45
N THR A 176 12.84 -8.40 14.29
CA THR A 176 12.43 -9.78 14.57
C THR A 176 13.14 -10.69 13.57
N PRO A 177 13.81 -11.76 14.04
CA PRO A 177 14.44 -12.69 13.08
C PRO A 177 13.43 -13.55 12.34
N TRP A 178 12.29 -13.83 12.96
CA TRP A 178 11.17 -14.49 12.29
C TRP A 178 10.29 -13.43 11.63
N ARG A 179 9.64 -13.80 10.52
CA ARG A 179 8.81 -12.88 9.75
C ARG A 179 7.62 -13.62 9.19
N MET A 180 6.42 -13.13 9.48
CA MET A 180 5.17 -13.72 8.99
C MET A 180 4.60 -12.88 7.85
N ALA A 181 3.75 -13.51 7.05
CA ALA A 181 2.96 -12.82 6.03
C ALA A 181 1.62 -12.43 6.66
N THR A 182 1.57 -11.23 7.25
CA THR A 182 0.41 -10.82 8.07
C THR A 182 -0.65 -10.20 7.17
N ILE A 183 -1.44 -11.07 6.54
CA ILE A 183 -2.53 -10.61 5.69
C ILE A 183 -3.60 -9.91 6.53
N TRP A 184 -4.41 -9.09 5.85
CA TRP A 184 -5.49 -8.39 6.55
C TRP A 184 -6.45 -9.39 7.17
N GLY A 185 -6.75 -9.19 8.45
CA GLY A 185 -7.64 -10.07 9.18
C GLY A 185 -7.08 -11.43 9.54
N GLY A 186 -5.82 -11.68 9.20
CA GLY A 186 -5.26 -13.00 9.42
C GLY A 186 -5.06 -13.30 10.90
N ALA A 187 -5.22 -14.58 11.24
CA ALA A 187 -4.91 -15.04 12.59
C ALA A 187 -3.46 -14.76 12.94
N SER A 188 -2.58 -14.74 11.94
CA SER A 188 -1.15 -14.58 12.18
C SER A 188 -0.79 -13.23 12.83
N LEU A 189 -1.65 -12.22 12.75
CA LEU A 189 -1.31 -10.95 13.40
C LEU A 189 -1.25 -11.11 14.92
N LEU A 190 -2.13 -11.95 15.49
CA LEU A 190 -2.04 -12.20 16.93
C LEU A 190 -0.81 -13.04 17.26
N SER A 191 -0.50 -14.04 16.43
CA SER A 191 0.72 -14.81 16.64
C SER A 191 1.95 -13.91 16.63
N THR A 192 1.98 -12.91 15.75
CA THR A 192 3.08 -11.97 15.70
C THR A 192 3.19 -11.18 17.01
N TYR A 193 2.07 -10.65 17.51
CA TYR A 193 2.12 -9.88 18.74
C TYR A 193 2.54 -10.75 19.92
N LEU A 194 1.97 -11.96 20.03
CA LEU A 194 2.28 -12.82 21.18
C LEU A 194 3.74 -13.25 21.17
N GLN A 195 4.29 -13.59 20.01
CA GLN A 195 5.70 -13.96 19.96
C GLN A 195 6.59 -12.76 20.27
N SER A 196 6.23 -11.57 19.78
CA SER A 196 7.07 -10.41 20.04
C SER A 196 7.06 -10.06 21.53
N MET A 197 5.94 -10.31 22.22
CA MET A 197 5.88 -10.08 23.66
C MET A 197 6.78 -11.05 24.42
N ARG A 198 6.76 -12.34 24.05
CA ARG A 198 7.66 -13.30 24.67
C ARG A 198 9.12 -12.92 24.44
N ASP A 199 9.48 -12.61 23.19
CA ASP A 199 10.84 -12.16 22.89
C ASP A 199 11.24 -10.98 23.77
N LEU A 200 10.38 -9.96 23.85
CA LEU A 200 10.72 -8.74 24.57
C LEU A 200 10.86 -8.99 26.07
N LEU A 201 10.03 -9.88 26.63
CA LEU A 201 10.12 -10.16 28.06
C LEU A 201 11.42 -10.85 28.42
N GLU A 202 12.03 -11.57 27.47
CA GLU A 202 13.25 -12.30 27.76
C GLU A 202 14.53 -11.51 27.47
N MET A 203 14.41 -10.34 26.84
CA MET A 203 15.53 -9.41 26.68
C MET A 203 15.74 -8.67 28.00
N THR A 204 16.55 -9.25 28.88
CA THR A 204 16.74 -8.69 30.22
C THR A 204 17.45 -7.35 30.18
N ASP A 205 18.19 -7.04 29.12
CA ASP A 205 18.88 -5.76 29.00
C ASP A 205 17.95 -4.63 28.56
N TRP A 206 16.67 -4.89 28.33
CA TRP A 206 15.70 -3.87 27.91
C TRP A 206 14.61 -3.76 28.97
N PRO A 207 14.81 -2.93 30.02
CA PRO A 207 13.78 -2.79 31.09
C PRO A 207 12.60 -1.88 30.74
N TRP A 208 11.67 -2.41 29.96
CA TRP A 208 10.54 -1.63 29.47
C TRP A 208 9.31 -1.78 30.38
N ASP A 209 8.49 -0.73 30.39
CA ASP A 209 7.31 -0.66 31.25
C ASP A 209 5.99 -0.70 30.48
N PHE A 210 5.99 -0.32 29.19
CA PHE A 210 4.79 -0.36 28.36
C PHE A 210 5.11 -0.93 26.99
N PHE A 211 4.08 -1.54 26.37
CA PHE A 211 4.12 -2.10 25.02
C PHE A 211 3.17 -1.27 24.15
N ILE A 212 3.68 -0.70 23.05
CA ILE A 212 2.88 0.11 22.13
C ILE A 212 3.08 -0.43 20.72
N ASN A 213 1.98 -0.69 20.00
CA ASN A 213 2.06 -1.16 18.62
C ASN A 213 1.75 -0.04 17.63
N LEU A 214 2.50 0.00 16.53
CA LEU A 214 2.35 1.01 15.48
C LEU A 214 2.63 0.37 14.12
N SER A 215 2.00 0.93 13.09
CA SER A 215 2.29 0.58 11.70
C SER A 215 3.04 1.72 11.01
N ALA A 216 3.43 1.47 9.76
CA ALA A 216 4.09 2.50 8.96
C ALA A 216 3.15 3.61 8.52
N ALA A 217 1.85 3.50 8.82
CA ALA A 217 0.88 4.54 8.52
C ALA A 217 0.42 5.28 9.77
N ASP A 218 1.07 5.06 10.91
CA ASP A 218 0.80 5.81 12.14
C ASP A 218 1.73 7.02 12.25
N TYR A 219 1.33 7.97 13.11
CA TYR A 219 2.18 9.13 13.42
C TYR A 219 1.81 9.70 14.78
N PRO A 220 2.78 10.18 15.56
CA PRO A 220 2.42 10.84 16.82
C PRO A 220 1.73 12.17 16.59
N ILE A 221 0.85 12.54 17.53
CA ILE A 221 0.22 13.85 17.54
C ILE A 221 0.50 14.60 18.85
N ARG A 222 1.38 14.07 19.69
CA ARG A 222 1.94 14.80 20.82
C ARG A 222 3.41 14.39 20.98
N THR A 223 4.15 15.21 21.72
CA THR A 223 5.59 15.00 21.86
C THR A 223 5.88 13.79 22.75
N ASN A 224 7.11 13.27 22.62
CA ASN A 224 7.57 12.19 23.49
C ASN A 224 7.52 12.62 24.96
N ASP A 225 7.92 13.85 25.26
CA ASP A 225 7.87 14.32 26.65
C ASP A 225 6.47 14.19 27.24
N GLN A 226 5.44 14.52 26.46
CA GLN A 226 4.07 14.48 26.98
C GLN A 226 3.60 13.04 27.10
N LEU A 227 3.96 12.17 26.14
CA LEU A 227 3.61 10.76 26.22
C LEU A 227 4.19 10.14 27.48
N VAL A 228 5.47 10.41 27.76
CA VAL A 228 6.13 9.81 28.91
C VAL A 228 5.52 10.33 30.21
N ALA A 229 5.23 11.63 30.27
CA ALA A 229 4.60 12.19 31.46
C ALA A 229 3.26 11.55 31.74
N PHE A 230 2.44 11.37 30.70
CA PHE A 230 1.12 10.78 30.89
C PHE A 230 1.22 9.34 31.36
N LEU A 231 2.03 8.52 30.67
CA LEU A 231 2.13 7.12 31.01
C LEU A 231 2.79 6.90 32.36
N SER A 232 3.73 7.79 32.75
CA SER A 232 4.34 7.67 34.06
C SER A 232 3.32 7.87 35.17
N ARG A 233 2.27 8.67 34.93
CA ARG A 233 1.26 8.91 35.95
C ARG A 233 0.23 7.79 36.03
N TYR A 234 0.07 7.01 34.96
CA TYR A 234 -0.91 5.92 34.92
C TYR A 234 -0.23 4.60 34.57
N ARG A 235 0.87 4.28 35.25
CA ARG A 235 1.70 3.17 34.79
C ARG A 235 1.13 1.80 35.10
N ASP A 236 0.11 1.70 35.95
CA ASP A 236 -0.54 0.43 36.24
C ASP A 236 -1.82 0.21 35.43
N MET A 237 -2.10 1.07 34.45
CA MET A 237 -3.31 0.99 33.64
C MET A 237 -3.00 0.34 32.29
N ASN A 238 -4.07 -0.16 31.65
CA ASN A 238 -4.02 -0.72 30.30
C ASN A 238 -5.02 0.03 29.43
N PHE A 239 -4.61 0.41 28.22
CA PHE A 239 -5.40 1.30 27.37
C PHE A 239 -5.91 0.55 26.15
N LEU A 240 -7.21 0.26 26.15
CA LEU A 240 -7.89 -0.52 25.12
C LEU A 240 -9.25 0.10 24.84
N LYS A 241 -9.61 0.19 23.58
CA LYS A 241 -10.86 0.84 23.17
C LYS A 241 -11.88 -0.22 22.75
N SER A 242 -13.04 -0.21 23.42
CA SER A 242 -14.12 -1.14 23.14
C SER A 242 -15.15 -0.50 22.21
N HIS A 243 -15.87 -1.35 21.46
CA HIS A 243 -16.88 -0.85 20.53
C HIS A 243 -17.98 -0.08 21.26
N GLY A 244 -18.38 -0.54 22.45
CA GLY A 244 -19.34 0.17 23.27
C GLY A 244 -20.79 0.03 22.86
N ARG A 245 -21.08 -0.54 21.69
CA ARG A 245 -22.45 -0.67 21.21
C ARG A 245 -23.03 -2.02 21.67
N ASP A 246 -24.07 -2.50 20.99
CA ASP A 246 -24.67 -3.78 21.35
C ASP A 246 -23.69 -4.91 21.10
N ASN A 247 -23.52 -5.77 22.10
CA ASN A 247 -22.44 -6.77 22.06
C ASN A 247 -22.79 -7.96 21.19
N ALA A 248 -24.06 -8.35 21.14
CA ALA A 248 -24.45 -9.47 20.27
C ALA A 248 -24.31 -9.10 18.81
N ARG A 249 -24.58 -7.84 18.45
CA ARG A 249 -24.36 -7.38 17.09
C ARG A 249 -22.88 -7.35 16.76
N PHE A 250 -22.05 -6.89 17.71
CA PHE A 250 -20.61 -6.88 17.49
C PHE A 250 -20.09 -8.29 17.19
N ILE A 251 -20.60 -9.28 17.92
CA ILE A 251 -20.16 -10.66 17.72
C ILE A 251 -20.50 -11.14 16.30
N ARG A 252 -21.69 -10.81 15.82
CA ARG A 252 -22.08 -11.25 14.47
C ARG A 252 -21.33 -10.48 13.40
N LYS A 253 -21.18 -9.16 13.56
CA LYS A 253 -20.47 -8.37 12.55
C LYS A 253 -19.01 -8.75 12.47
N GLN A 254 -18.39 -9.08 13.61
CA GLN A 254 -16.98 -9.47 13.63
C GLN A 254 -16.75 -10.88 13.11
N GLY A 255 -17.79 -11.71 13.05
CA GLY A 255 -17.60 -13.10 12.73
C GLY A 255 -17.00 -13.94 13.83
N LEU A 256 -17.13 -13.51 15.09
CA LEU A 256 -16.56 -14.25 16.20
C LEU A 256 -17.23 -15.61 16.39
N ASP A 257 -18.48 -15.76 15.94
CA ASP A 257 -19.17 -17.04 16.00
C ASP A 257 -18.93 -17.90 14.76
N ARG A 258 -17.89 -17.58 13.97
CA ARG A 258 -17.49 -18.37 12.81
C ARG A 258 -16.07 -18.88 13.01
N LEU A 259 -15.82 -20.09 12.50
CA LEU A 259 -14.51 -20.71 12.55
C LEU A 259 -13.72 -20.36 11.29
N PHE A 260 -12.51 -19.81 11.46
CA PHE A 260 -11.62 -19.49 10.35
C PHE A 260 -10.31 -20.23 10.48
N LEU A 261 -9.65 -20.45 9.33
CA LEU A 261 -8.33 -21.04 9.26
C LEU A 261 -7.47 -20.26 8.28
N GLU A 262 -6.28 -19.85 8.73
CA GLU A 262 -5.32 -19.16 7.86
C GLU A 262 -4.40 -20.19 7.21
N CYS A 263 -4.40 -20.21 5.88
CA CYS A 263 -3.52 -21.11 5.12
C CYS A 263 -3.35 -20.56 3.71
N ASP A 264 -2.16 -20.77 3.15
CA ASP A 264 -1.81 -20.23 1.82
C ASP A 264 -2.11 -18.74 1.73
N ALA A 265 -1.79 -18.00 2.78
CA ALA A 265 -1.98 -16.54 2.81
C ALA A 265 -3.43 -16.18 2.48
N HIS A 266 -4.36 -16.96 3.03
CA HIS A 266 -5.78 -16.70 2.87
C HIS A 266 -6.50 -17.13 4.14
N MET A 267 -7.58 -16.41 4.47
CA MET A 267 -8.40 -16.71 5.65
C MET A 267 -9.67 -17.43 5.18
N TRP A 268 -9.74 -18.74 5.42
CA TRP A 268 -10.87 -19.55 4.96
C TRP A 268 -11.92 -19.64 6.07
N ARG A 269 -13.19 -19.42 5.69
CA ARG A 269 -14.29 -19.64 6.62
C ARG A 269 -14.79 -21.07 6.51
N LEU A 270 -14.92 -21.75 7.65
CA LEU A 270 -15.18 -23.18 7.66
C LEU A 270 -16.50 -23.59 8.31
N GLY A 271 -17.18 -22.69 9.00
CA GLY A 271 -18.47 -23.01 9.59
C GLY A 271 -18.69 -22.23 10.86
N ASP A 272 -19.72 -22.65 11.59
CA ASP A 272 -20.16 -21.98 12.81
C ASP A 272 -19.48 -22.56 14.05
N ARG A 273 -19.56 -21.80 15.14
CA ARG A 273 -19.08 -22.27 16.44
C ARG A 273 -19.78 -21.48 17.53
N ARG A 274 -19.84 -22.08 18.72
CA ARG A 274 -20.48 -21.45 19.85
C ARG A 274 -19.51 -20.52 20.56
N ILE A 275 -20.05 -19.45 21.13
CA ILE A 275 -19.26 -18.62 22.05
C ILE A 275 -19.13 -19.35 23.37
N PRO A 276 -17.93 -19.47 23.95
CA PRO A 276 -17.80 -20.24 25.18
C PRO A 276 -18.58 -19.60 26.33
N GLU A 277 -19.12 -20.45 27.19
CA GLU A 277 -19.91 -19.98 28.32
C GLU A 277 -19.00 -19.60 29.49
N GLY A 278 -19.49 -18.69 30.32
CA GLY A 278 -18.81 -18.30 31.55
C GLY A 278 -18.01 -17.03 31.47
N ILE A 279 -17.78 -16.48 30.27
CA ILE A 279 -16.96 -15.29 30.10
C ILE A 279 -17.72 -14.25 29.29
N ALA A 280 -17.35 -13.00 29.48
CA ALA A 280 -17.84 -11.90 28.66
C ALA A 280 -16.87 -11.67 27.50
N VAL A 281 -17.40 -11.62 26.29
CA VAL A 281 -16.60 -11.41 25.08
C VAL A 281 -16.75 -9.96 24.66
N ASP A 282 -15.62 -9.29 24.41
CA ASP A 282 -15.59 -7.87 24.08
C ASP A 282 -14.54 -7.64 23.00
N GLY A 283 -14.54 -6.43 22.45
CA GLY A 283 -13.56 -6.10 21.42
C GLY A 283 -13.75 -4.69 20.92
N GLY A 284 -12.89 -4.33 19.96
CA GLY A 284 -12.84 -2.98 19.43
C GLY A 284 -11.60 -2.77 18.58
N SER A 285 -10.81 -1.75 18.90
CA SER A 285 -9.63 -1.44 18.10
C SER A 285 -8.48 -2.38 18.44
N ASP A 286 -7.68 -2.73 17.43
CA ASP A 286 -6.49 -3.55 17.60
C ASP A 286 -5.23 -2.71 17.82
N TRP A 287 -5.37 -1.42 18.12
CA TRP A 287 -4.24 -0.57 18.50
C TRP A 287 -4.41 -0.16 19.96
N PHE A 288 -3.36 -0.39 20.76
CA PHE A 288 -3.50 -0.31 22.21
C PHE A 288 -2.15 0.00 22.86
N LEU A 289 -2.17 0.17 24.19
CA LEU A 289 -0.97 0.27 25.01
C LEU A 289 -1.17 -0.58 26.26
N LEU A 290 -0.28 -1.55 26.48
CA LEU A 290 -0.40 -2.50 27.58
C LEU A 290 0.84 -2.43 28.47
N ASN A 291 0.64 -2.51 29.79
CA ASN A 291 1.78 -2.45 30.70
C ASN A 291 2.43 -3.82 30.85
N ARG A 292 3.68 -3.81 31.33
CA ARG A 292 4.49 -5.02 31.37
C ARG A 292 3.81 -6.11 32.20
N ARG A 293 3.14 -5.74 33.29
CA ARG A 293 2.53 -6.74 34.15
C ARG A 293 1.46 -7.56 33.43
N PHE A 294 0.62 -6.89 32.64
CA PHE A 294 -0.40 -7.62 31.90
C PHE A 294 0.22 -8.43 30.77
N VAL A 295 1.24 -7.90 30.10
CA VAL A 295 1.91 -8.65 29.05
C VAL A 295 2.56 -9.90 29.63
N GLU A 296 3.09 -9.81 30.86
CA GLU A 296 3.64 -10.98 31.53
C GLU A 296 2.56 -12.03 31.79
N TYR A 297 1.39 -11.60 32.25
CA TYR A 297 0.28 -12.52 32.49
C TYR A 297 -0.15 -13.20 31.20
N VAL A 298 -0.29 -12.44 30.11
CA VAL A 298 -0.73 -13.03 28.84
C VAL A 298 0.28 -14.06 28.37
N THR A 299 1.56 -13.79 28.56
CA THR A 299 2.61 -14.65 28.01
C THR A 299 2.79 -15.93 28.82
N PHE A 300 2.81 -15.85 30.15
CA PHE A 300 3.26 -16.96 30.98
C PHE A 300 2.18 -17.62 31.82
N SER A 301 0.98 -17.05 31.91
CA SER A 301 -0.06 -17.70 32.69
C SER A 301 -0.52 -19.00 32.02
N THR A 302 -0.77 -20.02 32.83
CA THR A 302 -1.35 -21.27 32.35
C THR A 302 -2.76 -21.49 32.88
N ASP A 303 -3.41 -20.46 33.42
CA ASP A 303 -4.74 -20.66 33.97
C ASP A 303 -5.74 -20.97 32.84
N ASP A 304 -6.97 -21.28 33.26
CA ASP A 304 -7.99 -21.75 32.32
C ASP A 304 -8.29 -20.71 31.26
N LEU A 305 -8.27 -19.42 31.63
CA LEU A 305 -8.68 -18.37 30.72
C LEU A 305 -7.67 -18.18 29.59
N VAL A 306 -6.40 -17.97 29.93
CA VAL A 306 -5.39 -17.68 28.92
C VAL A 306 -5.18 -18.88 28.00
N THR A 307 -5.20 -20.09 28.56
CA THR A 307 -4.99 -21.30 27.77
C THR A 307 -6.06 -21.46 26.71
N LYS A 308 -7.33 -21.40 27.13
CA LYS A 308 -8.42 -21.65 26.20
C LYS A 308 -8.60 -20.51 25.21
N MET A 309 -8.34 -19.26 25.62
CA MET A 309 -8.47 -18.15 24.67
C MET A 309 -7.40 -18.19 23.59
N LYS A 310 -6.18 -18.64 23.94
CA LYS A 310 -5.16 -18.80 22.90
C LYS A 310 -5.57 -19.84 21.87
N GLN A 311 -6.30 -20.87 22.29
CA GLN A 311 -6.78 -21.88 21.34
C GLN A 311 -7.91 -21.32 20.50
N PHE A 312 -8.89 -20.69 21.15
CA PHE A 312 -10.03 -20.09 20.44
C PHE A 312 -9.56 -19.08 19.39
N TYR A 313 -8.65 -18.18 19.76
CA TYR A 313 -8.24 -17.10 18.87
C TYR A 313 -7.20 -17.52 17.83
N SER A 314 -6.73 -18.77 17.87
CA SER A 314 -5.91 -19.31 16.78
C SER A 314 -6.72 -19.55 15.50
N TYR A 315 -8.05 -19.57 15.60
CA TYR A 315 -8.93 -19.85 14.48
C TYR A 315 -9.95 -18.73 14.33
N THR A 316 -9.53 -17.49 14.55
CA THR A 316 -10.43 -16.36 14.61
C THR A 316 -10.01 -15.28 13.60
N LEU A 317 -11.00 -14.69 12.95
CA LEU A 317 -10.80 -13.53 12.08
C LEU A 317 -10.58 -12.29 12.92
N LEU A 318 -9.63 -11.44 12.49
CA LEU A 318 -9.31 -10.20 13.18
C LEU A 318 -9.10 -10.43 14.68
N PRO A 319 -8.25 -11.39 15.06
CA PRO A 319 -8.15 -11.77 16.47
C PRO A 319 -7.67 -10.64 17.37
N ALA A 320 -6.77 -9.79 16.88
CA ALA A 320 -6.24 -8.70 17.71
C ALA A 320 -7.28 -7.65 18.03
N GLU A 321 -8.43 -7.65 17.37
CA GLU A 321 -9.51 -6.74 17.71
C GLU A 321 -10.35 -7.20 18.91
N SER A 322 -10.06 -8.36 19.49
CA SER A 322 -10.89 -8.81 20.60
C SER A 322 -10.19 -9.74 21.59
N PHE A 323 -9.07 -10.36 21.21
CA PHE A 323 -8.36 -11.25 22.14
C PHE A 323 -7.97 -10.52 23.42
N PHE A 324 -7.31 -9.37 23.30
CA PHE A 324 -6.78 -8.70 24.49
C PHE A 324 -7.89 -8.10 25.34
N HIS A 325 -8.96 -7.60 24.71
CA HIS A 325 -10.13 -7.16 25.47
C HIS A 325 -10.72 -8.30 26.29
N THR A 326 -10.92 -9.46 25.66
CA THR A 326 -11.63 -10.55 26.33
C THR A 326 -10.80 -11.12 27.47
N VAL A 327 -9.49 -11.27 27.26
CA VAL A 327 -8.63 -11.76 28.35
C VAL A 327 -8.60 -10.75 29.50
N LEU A 328 -8.33 -9.48 29.19
CA LEU A 328 -8.22 -8.49 30.26
C LEU A 328 -9.48 -8.44 31.11
N GLU A 329 -10.65 -8.36 30.46
CA GLU A 329 -11.90 -8.15 31.20
C GLU A 329 -12.24 -9.30 32.12
N ASN A 330 -11.78 -10.52 31.79
CA ASN A 330 -12.11 -11.70 32.58
C ASN A 330 -10.95 -12.16 33.46
N SER A 331 -9.86 -11.41 33.50
CA SER A 331 -8.64 -11.75 34.22
C SER A 331 -8.60 -11.08 35.59
N PRO A 332 -7.61 -11.42 36.41
CA PRO A 332 -7.42 -10.69 37.67
C PRO A 332 -7.06 -9.22 37.46
N HIS A 333 -6.67 -8.81 36.26
CA HIS A 333 -6.29 -7.43 35.98
C HIS A 333 -7.44 -6.58 35.46
N CYS A 334 -8.68 -7.06 35.57
CA CYS A 334 -9.80 -6.40 34.91
C CYS A 334 -9.99 -4.95 35.39
N ASP A 335 -9.61 -4.63 36.62
CA ASP A 335 -9.84 -3.27 37.12
C ASP A 335 -8.78 -2.27 36.66
N THR A 336 -7.87 -2.66 35.78
CA THR A 336 -6.87 -1.76 35.24
C THR A 336 -7.24 -1.19 33.88
N MET A 337 -8.39 -1.59 33.33
CA MET A 337 -8.75 -1.24 31.96
C MET A 337 -9.29 0.18 31.85
N VAL A 338 -8.68 0.97 30.98
CA VAL A 338 -9.17 2.28 30.58
C VAL A 338 -9.76 2.17 29.18
N ASP A 339 -11.02 2.61 29.02
CA ASP A 339 -11.71 2.50 27.73
C ASP A 339 -11.29 3.66 26.82
N ASN A 340 -10.02 3.63 26.43
CA ASN A 340 -9.44 4.66 25.58
C ASN A 340 -8.08 4.17 25.12
N ASN A 341 -7.88 4.03 23.81
CA ASN A 341 -6.61 3.56 23.29
C ASN A 341 -5.65 4.69 22.94
N LEU A 342 -5.99 5.93 23.29
CA LEU A 342 -5.13 7.09 23.07
C LEU A 342 -4.83 7.32 21.59
N ARG A 343 -5.71 6.87 20.70
CA ARG A 343 -5.54 7.03 19.25
C ARG A 343 -6.71 7.78 18.65
N ILE A 344 -6.45 8.50 17.55
CA ILE A 344 -7.48 8.98 16.65
C ILE A 344 -7.38 8.16 15.36
N THR A 345 -8.47 7.46 15.01
CA THR A 345 -8.53 6.62 13.83
C THR A 345 -9.54 7.21 12.84
N ASN A 346 -9.13 7.37 11.59
CA ASN A 346 -9.86 8.19 10.63
C ASN A 346 -10.89 7.36 9.87
N TRP A 347 -11.91 6.92 10.60
CA TRP A 347 -12.99 6.16 9.99
C TRP A 347 -13.88 7.05 9.13
N ASN A 348 -14.21 6.55 7.94
CA ASN A 348 -15.19 7.19 7.05
C ASN A 348 -15.98 6.05 6.39
N ARG A 349 -17.18 5.79 6.90
CA ARG A 349 -17.92 4.61 6.50
C ARG A 349 -18.37 4.68 5.04
N LYS A 350 -18.59 5.87 4.50
CA LYS A 350 -19.02 5.99 3.12
C LYS A 350 -17.93 5.53 2.14
N LEU A 351 -16.66 5.71 2.50
CA LEU A 351 -15.55 5.42 1.60
C LEU A 351 -14.75 4.18 1.97
N GLY A 352 -14.73 3.78 3.24
CA GLY A 352 -13.82 2.76 3.71
C GLY A 352 -14.38 1.35 3.84
N CYS A 353 -15.63 1.11 3.49
CA CYS A 353 -16.24 -0.20 3.69
C CYS A 353 -16.76 -0.80 2.39
N LYS A 354 -15.89 -0.96 1.40
CA LYS A 354 -16.31 -1.45 0.08
C LYS A 354 -15.92 -2.91 -0.13
N CYS A 355 -15.74 -3.67 0.95
CA CYS A 355 -15.34 -5.08 0.87
C CYS A 355 -14.16 -5.24 -0.09
N GLN A 356 -13.10 -4.48 0.17
CA GLN A 356 -11.92 -4.46 -0.68
C GLN A 356 -10.95 -5.60 -0.41
N TYR A 357 -11.24 -6.47 0.56
CA TYR A 357 -10.38 -7.59 0.91
C TYR A 357 -11.02 -8.93 0.61
N LYS A 358 -11.96 -8.97 -0.34
CA LYS A 358 -12.73 -10.18 -0.60
C LYS A 358 -11.86 -11.32 -1.14
N HIS A 359 -10.80 -10.98 -1.87
CA HIS A 359 -9.88 -11.99 -2.41
C HIS A 359 -8.88 -12.50 -1.38
N ILE A 360 -8.90 -11.98 -0.16
CA ILE A 360 -7.92 -12.32 0.87
C ILE A 360 -8.58 -13.03 2.04
N VAL A 361 -9.79 -12.63 2.41
CA VAL A 361 -10.52 -13.24 3.52
C VAL A 361 -11.94 -13.52 3.05
N ASP A 362 -12.54 -14.56 3.61
CA ASP A 362 -13.93 -14.91 3.31
C ASP A 362 -14.88 -14.08 4.19
N TRP A 363 -14.79 -12.76 4.03
CA TRP A 363 -15.54 -11.83 4.85
C TRP A 363 -15.35 -10.44 4.27
N CYS A 364 -16.20 -9.51 4.70
CA CYS A 364 -16.11 -8.11 4.28
C CYS A 364 -15.73 -7.24 5.47
N GLY A 365 -14.85 -6.27 5.25
CA GLY A 365 -14.33 -5.44 6.31
C GLY A 365 -14.17 -3.99 5.88
N CYS A 366 -13.70 -3.17 6.83
CA CYS A 366 -13.49 -1.75 6.63
C CYS A 366 -12.05 -1.40 7.02
N SER A 367 -11.56 -0.30 6.46
CA SER A 367 -10.26 0.23 6.84
C SER A 367 -10.33 1.75 6.92
N PRO A 368 -9.52 2.36 7.77
CA PRO A 368 -9.58 3.83 7.91
C PRO A 368 -9.01 4.55 6.69
N ASN A 369 -9.44 5.80 6.55
CA ASN A 369 -9.00 6.67 5.46
C ASN A 369 -7.70 7.37 5.83
N ASP A 370 -7.04 7.93 4.81
CA ASP A 370 -5.85 8.75 5.02
C ASP A 370 -6.24 10.18 5.37
N PHE A 371 -5.48 10.78 6.29
CA PHE A 371 -5.72 12.17 6.66
C PHE A 371 -5.30 13.12 5.54
N LYS A 372 -5.98 14.27 5.49
CA LYS A 372 -5.72 15.35 4.53
C LYS A 372 -5.54 16.65 5.28
N PRO A 373 -5.03 17.69 4.61
CA PRO A 373 -4.73 18.95 5.33
C PRO A 373 -5.92 19.54 6.07
N GLN A 374 -7.14 19.36 5.56
CA GLN A 374 -8.32 19.88 6.25
C GLN A 374 -8.62 19.17 7.56
N ASP A 375 -7.87 18.14 7.92
CA ASP A 375 -8.07 17.41 9.16
C ASP A 375 -7.17 17.88 10.30
N PHE A 376 -6.28 18.85 10.05
CA PHE A 376 -5.27 19.21 11.04
C PHE A 376 -5.91 19.62 12.36
N HIS A 377 -7.04 20.32 12.33
CA HIS A 377 -7.67 20.79 13.56
C HIS A 377 -8.09 19.65 14.47
N ARG A 378 -8.27 18.45 13.92
CA ARG A 378 -8.68 17.31 14.74
C ARG A 378 -7.57 16.81 15.64
N PHE A 379 -6.31 17.11 15.33
CA PHE A 379 -5.20 16.71 16.17
C PHE A 379 -5.03 17.64 17.38
N GLN A 380 -5.89 18.64 17.55
CA GLN A 380 -5.82 19.56 18.67
C GLN A 380 -7.04 19.47 19.58
N GLN A 381 -7.86 18.43 19.44
CA GLN A 381 -9.06 18.31 20.26
C GLN A 381 -8.69 18.14 21.73
N THR A 382 -9.63 18.54 22.60
CA THR A 382 -9.39 18.58 24.04
C THR A 382 -10.29 17.64 24.82
N ALA A 383 -11.17 16.88 24.16
CA ALA A 383 -12.10 16.02 24.89
C ALA A 383 -11.36 14.95 25.69
N ARG A 384 -10.54 14.14 25.02
CA ARG A 384 -9.87 13.02 25.64
C ARG A 384 -8.39 13.05 25.30
N PRO A 385 -7.56 12.38 26.11
CA PRO A 385 -6.12 12.32 25.78
C PRO A 385 -5.86 11.39 24.61
N THR A 386 -5.06 11.85 23.67
CA THR A 386 -4.68 11.08 22.50
C THR A 386 -3.24 11.41 22.12
N PHE A 387 -2.47 10.40 21.72
CA PHE A 387 -1.06 10.58 21.43
C PHE A 387 -0.62 10.05 20.06
N PHE A 388 -1.46 9.29 19.35
CA PHE A 388 -1.12 8.80 18.02
C PHE A 388 -2.36 8.87 17.14
N ALA A 389 -2.15 8.80 15.82
CA ALA A 389 -3.25 8.81 14.87
C ALA A 389 -2.88 8.00 13.64
N ARG A 390 -3.89 7.58 12.87
CA ARG A 390 -3.70 6.84 11.63
C ARG A 390 -4.97 7.00 10.78
N LYS A 391 -4.85 6.91 9.46
CA LYS A 391 -3.65 6.56 8.68
C LYS A 391 -3.04 7.76 7.93
N PHE A 392 -1.74 7.66 7.65
CA PHE A 392 -1.02 8.64 6.84
C PHE A 392 -0.29 7.90 5.71
N GLU A 393 -0.39 8.43 4.50
CA GLU A 393 0.34 7.89 3.35
C GLU A 393 0.94 9.03 2.55
N ALA A 394 2.26 9.05 2.43
CA ALA A 394 2.94 10.12 1.72
C ALA A 394 2.61 10.13 0.23
N VAL A 395 2.30 8.97 -0.37
CA VAL A 395 1.91 8.98 -1.78
C VAL A 395 0.49 9.48 -1.99
N VAL A 396 -0.31 9.58 -0.93
CA VAL A 396 -1.68 10.10 -1.03
C VAL A 396 -1.75 11.57 -0.62
N ASN A 397 -1.16 11.92 0.54
CA ASN A 397 -1.04 13.33 0.91
C ASN A 397 0.10 13.47 1.91
N GLN A 398 1.18 14.14 1.50
CA GLN A 398 2.29 14.39 2.41
C GLN A 398 2.18 15.72 3.13
N GLU A 399 1.38 16.66 2.62
CA GLU A 399 1.30 17.99 3.24
C GLU A 399 0.87 17.91 4.70
N ILE A 400 -0.12 17.05 5.01
CA ILE A 400 -0.61 16.95 6.39
C ILE A 400 0.46 16.36 7.30
N ILE A 401 1.31 15.48 6.78
CA ILE A 401 2.41 14.91 7.58
C ILE A 401 3.39 16.01 7.96
N GLY A 402 3.76 16.84 6.99
CA GLY A 402 4.65 17.96 7.28
C GLY A 402 4.06 18.93 8.29
N GLN A 403 2.81 19.32 8.10
CA GLN A 403 2.16 20.24 9.03
C GLN A 403 2.23 19.70 10.46
N LEU A 404 2.01 18.40 10.62
CA LEU A 404 1.99 17.79 11.95
C LEU A 404 3.38 17.73 12.55
N ASP A 405 4.37 17.30 11.76
CA ASP A 405 5.73 17.18 12.26
C ASP A 405 6.30 18.54 12.67
N TYR A 406 6.10 19.57 11.83
CA TYR A 406 6.59 20.90 12.18
C TYR A 406 5.83 21.49 13.36
N TYR A 407 4.55 21.15 13.51
CA TYR A 407 3.78 21.61 14.66
C TYR A 407 4.34 21.03 15.95
N LEU A 408 4.72 19.75 15.94
CA LEU A 408 5.22 19.09 17.14
C LEU A 408 6.65 19.49 17.46
N TYR A 409 7.52 19.57 16.45
CA TYR A 409 8.95 19.67 16.69
C TYR A 409 9.61 20.84 15.98
N GLY A 410 8.86 21.71 15.31
CA GLY A 410 9.41 22.93 14.75
C GLY A 410 9.87 22.78 13.31
N ASN A 411 10.02 23.92 12.65
CA ASN A 411 10.50 23.95 11.27
C ASN A 411 11.95 23.50 11.17
N TYR A 412 12.30 22.95 10.01
CA TYR A 412 13.69 22.76 9.67
C TYR A 412 14.32 24.11 9.30
N PRO A 413 15.65 24.24 9.38
CA PRO A 413 16.28 25.53 9.08
C PRO A 413 16.04 25.95 7.64
N ALA A 414 16.02 27.27 7.43
CA ALA A 414 15.86 27.80 6.08
C ALA A 414 16.96 27.25 5.17
N GLY A 415 16.58 26.90 3.95
CA GLY A 415 17.50 26.30 3.02
C GLY A 415 17.59 24.79 3.06
N THR A 416 16.76 24.14 3.87
CA THR A 416 16.76 22.68 3.91
C THR A 416 16.09 22.14 2.66
N PRO A 417 16.74 21.26 1.90
CA PRO A 417 16.15 20.76 0.66
C PRO A 417 15.25 19.54 0.86
N GLY A 418 14.37 19.34 -0.12
CA GLY A 418 13.55 18.14 -0.19
C GLY A 418 12.31 18.12 0.66
N LEU A 419 12.00 19.22 1.37
CA LEU A 419 10.92 19.18 2.35
C LEU A 419 9.57 18.91 1.70
N ARG A 420 9.36 19.36 0.46
CA ARG A 420 8.08 19.16 -0.23
C ARG A 420 8.11 17.97 -1.17
N SER A 421 9.22 17.26 -1.26
CA SER A 421 9.37 16.13 -2.17
C SER A 421 9.14 14.80 -1.45
N TYR A 422 8.83 13.76 -2.23
CA TYR A 422 8.77 12.40 -1.72
C TYR A 422 9.27 11.43 -2.77
N TRP A 423 10.10 10.47 -2.34
CA TRP A 423 10.67 9.42 -3.18
C TRP A 423 10.30 8.06 -2.60
N GLU A 424 9.81 7.15 -3.45
CA GLU A 424 9.41 5.82 -2.99
C GLU A 424 9.84 4.74 -3.99
N ASN A 425 10.68 3.82 -3.53
CA ASN A 425 11.25 2.77 -4.38
C ASN A 425 10.19 1.72 -4.72
N VAL A 426 9.97 1.48 -6.01
CA VAL A 426 9.02 0.47 -6.46
C VAL A 426 9.69 -0.69 -7.18
N TYR A 427 11.00 -0.63 -7.42
CA TYR A 427 11.76 -1.82 -7.83
C TYR A 427 13.21 -1.66 -7.39
N ASP A 428 13.76 -2.74 -6.86
CA ASP A 428 15.14 -2.77 -6.36
C ASP A 428 15.81 -4.05 -6.85
N GLU A 429 16.99 -3.91 -7.44
CA GLU A 429 17.66 -5.01 -8.15
C GLU A 429 17.73 -6.32 -7.36
N PRO A 430 18.07 -6.34 -6.07
CA PRO A 430 18.21 -7.63 -5.38
C PRO A 430 16.97 -8.51 -5.43
N ASP A 431 15.81 -7.96 -5.77
CA ASP A 431 14.59 -8.76 -5.81
C ASP A 431 14.35 -9.42 -7.17
N GLY A 432 15.09 -9.02 -8.20
CA GLY A 432 15.16 -9.74 -9.47
C GLY A 432 14.07 -9.38 -10.44
N ILE A 433 14.37 -9.55 -11.74
CA ILE A 433 13.41 -9.13 -12.77
C ILE A 433 12.18 -10.02 -12.80
N HIS A 434 12.23 -11.21 -12.21
CA HIS A 434 11.02 -12.03 -12.17
C HIS A 434 10.01 -11.51 -11.16
N SER A 435 10.39 -10.59 -10.28
CA SER A 435 9.43 -9.90 -9.43
C SER A 435 8.74 -8.74 -10.13
N LEU A 436 9.25 -8.29 -11.27
CA LEU A 436 8.52 -7.37 -12.13
C LEU A 436 7.54 -8.15 -13.00
N SER A 437 6.76 -7.43 -13.79
CA SER A 437 5.94 -8.04 -14.83
C SER A 437 6.58 -7.77 -16.19
N ASP A 438 6.11 -8.51 -17.20
CA ASP A 438 6.55 -8.22 -18.57
C ASP A 438 6.20 -6.80 -18.96
N VAL A 439 5.10 -6.25 -18.44
CA VAL A 439 4.70 -4.89 -18.78
C VAL A 439 5.69 -3.87 -18.18
N THR A 440 5.96 -3.97 -16.87
CA THR A 440 6.82 -2.97 -16.25
C THR A 440 8.27 -3.15 -16.68
N LEU A 441 8.72 -4.39 -16.89
CA LEU A 441 10.07 -4.60 -17.40
C LEU A 441 10.24 -3.98 -18.77
N THR A 442 9.24 -4.13 -19.65
CA THR A 442 9.30 -3.52 -20.98
C THR A 442 9.40 -2.00 -20.88
N LEU A 443 8.56 -1.38 -20.05
CA LEU A 443 8.46 0.07 -20.04
C LEU A 443 9.62 0.72 -19.31
N TYR A 444 10.08 0.14 -18.19
CA TYR A 444 11.25 0.68 -17.51
C TYR A 444 12.48 0.66 -18.43
N HIS A 445 12.64 -0.41 -19.23
CA HIS A 445 13.70 -0.41 -20.24
C HIS A 445 13.56 0.75 -21.20
N SER A 446 12.33 1.00 -21.67
CA SER A 446 12.11 2.05 -22.66
C SER A 446 12.36 3.42 -22.07
N PHE A 447 12.01 3.64 -20.80
CA PHE A 447 12.28 4.91 -20.15
C PHE A 447 13.78 5.19 -20.08
N ALA A 448 14.58 4.17 -19.76
CA ALA A 448 16.02 4.34 -19.70
C ALA A 448 16.59 4.73 -21.07
N ARG A 449 16.13 4.07 -22.14
CA ARG A 449 16.60 4.42 -23.47
C ARG A 449 16.20 5.85 -23.83
N LEU A 450 15.03 6.31 -23.38
CA LEU A 450 14.63 7.68 -23.63
C LEU A 450 15.59 8.66 -22.96
N GLY A 451 16.07 8.31 -21.77
CA GLY A 451 17.06 9.15 -21.10
C GLY A 451 18.38 9.18 -21.86
N LEU A 452 18.86 8.02 -22.32
CA LEU A 452 20.11 8.00 -23.08
C LEU A 452 20.01 8.86 -24.33
N ARG A 453 18.86 8.85 -25.01
CA ARG A 453 18.68 9.71 -26.17
C ARG A 453 18.68 11.18 -25.78
N ARG A 454 18.18 11.53 -24.59
CA ARG A 454 18.24 12.92 -24.15
C ARG A 454 19.68 13.36 -23.93
N ALA A 455 20.50 12.50 -23.33
CA ALA A 455 21.90 12.85 -23.12
C ALA A 455 22.61 13.14 -24.43
N GLU A 456 22.36 12.33 -25.45
CA GLU A 456 23.05 12.52 -26.72
C GLU A 456 22.65 13.84 -27.39
N THR A 457 21.36 14.17 -27.37
CA THR A 457 20.89 15.38 -28.02
C THR A 457 21.18 16.64 -27.21
N SER A 458 21.58 16.51 -25.95
CA SER A 458 21.85 17.68 -25.12
C SER A 458 23.25 18.25 -25.31
N LEU A 459 24.14 17.53 -26.00
CA LEU A 459 25.48 18.04 -26.29
C LEU A 459 25.51 18.57 -27.72
N HIS A 460 25.92 19.82 -27.88
CA HIS A 460 26.01 20.47 -29.17
C HIS A 460 27.49 20.59 -29.54
N THR A 461 27.89 19.88 -30.59
CA THR A 461 29.29 19.75 -30.95
C THR A 461 29.37 19.14 -32.35
N ASP A 462 30.42 19.51 -33.09
CA ASP A 462 30.61 19.01 -34.44
C ASP A 462 31.66 17.92 -34.54
N GLY A 463 32.31 17.57 -33.44
CA GLY A 463 33.21 16.45 -33.35
C GLY A 463 32.57 15.25 -32.71
N GLU A 464 33.37 14.49 -31.96
CA GLU A 464 32.87 13.28 -31.33
C GLU A 464 31.90 13.64 -30.21
N ASN A 465 30.74 12.99 -30.20
CA ASN A 465 29.76 13.18 -29.14
C ASN A 465 30.11 12.27 -27.99
N SER A 466 30.55 12.85 -26.88
CA SER A 466 30.90 12.10 -25.68
C SER A 466 29.72 11.92 -24.73
N CYS A 467 28.50 12.07 -25.23
CA CYS A 467 27.29 11.75 -24.48
C CYS A 467 26.45 10.69 -25.17
N ARG A 468 27.08 9.86 -26.02
CA ARG A 468 26.42 8.74 -26.67
C ARG A 468 26.62 7.47 -25.85
N TYR A 469 25.53 6.74 -25.61
CA TYR A 469 25.57 5.59 -24.71
C TYR A 469 24.97 4.35 -25.37
N TYR A 470 25.38 3.19 -24.87
CA TYR A 470 24.78 1.90 -25.21
C TYR A 470 24.28 1.24 -23.93
N PRO A 471 23.00 0.88 -23.85
CA PRO A 471 22.47 0.33 -22.57
C PRO A 471 23.01 -1.05 -22.26
N MET A 472 23.17 -1.32 -20.96
CA MET A 472 23.73 -2.58 -20.47
C MET A 472 22.82 -3.16 -19.40
N GLY A 473 22.40 -4.41 -19.58
CA GLY A 473 21.71 -5.11 -18.52
C GLY A 473 20.32 -4.55 -18.26
N HIS A 474 19.87 -4.73 -17.01
CA HIS A 474 18.51 -4.39 -16.63
C HIS A 474 18.50 -3.23 -15.64
N PRO A 475 17.36 -2.55 -15.50
CA PRO A 475 17.28 -1.45 -14.52
C PRO A 475 17.74 -1.90 -13.14
N ALA A 476 18.46 -1.00 -12.46
CA ALA A 476 18.95 -1.28 -11.11
C ALA A 476 17.96 -0.88 -10.02
N SER A 477 17.20 0.20 -10.24
CA SER A 477 16.15 0.59 -9.30
C SER A 477 15.21 1.56 -10.00
N VAL A 478 13.98 1.65 -9.47
CA VAL A 478 12.97 2.60 -9.95
C VAL A 478 12.30 3.24 -8.75
N HIS A 479 12.14 4.57 -8.79
CA HIS A 479 11.43 5.33 -7.77
C HIS A 479 10.24 6.08 -8.37
N LEU A 480 9.16 6.16 -7.61
CA LEU A 480 8.15 7.20 -7.81
C LEU A 480 8.68 8.51 -7.23
N TYR A 481 8.37 9.63 -7.88
CA TYR A 481 8.84 10.96 -7.47
C TYR A 481 7.65 11.91 -7.41
N PHE A 482 7.42 12.50 -6.23
CA PHE A 482 6.34 13.47 -6.01
C PHE A 482 6.93 14.80 -5.56
N LEU A 483 6.25 15.88 -5.94
CA LEU A 483 6.60 17.22 -5.46
C LEU A 483 5.32 17.97 -5.14
N ALA A 484 5.19 18.41 -3.88
CA ALA A 484 4.01 19.15 -3.42
C ALA A 484 2.72 18.40 -3.74
N ASP A 485 2.76 17.09 -3.52
CA ASP A 485 1.61 16.19 -3.69
C ASP A 485 1.16 16.11 -5.15
N ARG A 486 2.06 16.39 -6.09
CA ARG A 486 1.81 16.16 -7.52
C ARG A 486 2.80 15.12 -8.03
N PHE A 487 2.27 14.08 -8.68
CA PHE A 487 3.11 13.03 -9.26
C PHE A 487 3.98 13.60 -10.37
N GLN A 488 5.30 13.41 -10.26
CA GLN A 488 6.24 13.92 -11.24
C GLN A 488 6.75 12.86 -12.22
N GLY A 489 6.55 11.58 -11.92
CA GLY A 489 6.94 10.50 -12.82
C GLY A 489 7.84 9.48 -12.14
N PHE A 490 8.68 8.81 -12.94
CA PHE A 490 9.58 7.77 -12.49
C PHE A 490 11.04 8.23 -12.57
N LEU A 491 11.84 7.75 -11.62
CA LEU A 491 13.29 7.85 -11.69
C LEU A 491 13.84 6.44 -11.88
N ILE A 492 14.63 6.24 -12.93
CA ILE A 492 15.19 4.92 -13.26
C ILE A 492 16.71 5.00 -13.16
N LYS A 493 17.30 4.14 -12.34
CA LYS A 493 18.75 4.00 -12.26
C LYS A 493 19.19 2.85 -13.16
N HIS A 494 20.19 3.11 -14.02
CA HIS A 494 20.60 2.12 -15.00
C HIS A 494 22.07 2.28 -15.36
N HIS A 495 22.63 1.24 -15.95
CA HIS A 495 24.02 1.18 -16.39
C HIS A 495 24.11 1.28 -17.92
N ALA A 496 25.16 1.92 -18.41
CA ALA A 496 25.38 2.07 -19.85
C ALA A 496 26.85 2.35 -20.12
N THR A 497 27.29 1.98 -21.31
CA THR A 497 28.65 2.25 -21.76
C THR A 497 28.69 3.61 -22.46
N ASN A 498 29.55 4.50 -21.97
CA ASN A 498 29.85 5.71 -22.71
C ASN A 498 30.74 5.35 -23.89
N LEU A 499 30.25 5.57 -25.11
CA LEU A 499 30.90 5.02 -26.29
C LEU A 499 32.17 5.78 -26.68
N ALA A 500 32.31 7.05 -26.29
CA ALA A 500 33.51 7.80 -26.66
C ALA A 500 34.74 7.28 -25.92
N VAL A 501 34.61 7.04 -24.60
CA VAL A 501 35.72 6.52 -23.81
C VAL A 501 35.63 5.02 -23.55
N SER A 502 34.52 4.38 -23.93
CA SER A 502 34.38 2.92 -23.81
C SER A 502 34.38 2.46 -22.36
N LYS A 503 33.62 3.17 -21.51
CA LYS A 503 33.57 2.89 -20.09
C LYS A 503 32.13 2.80 -19.60
N LEU A 504 31.89 1.88 -18.66
CA LEU A 504 30.59 1.77 -18.03
C LEU A 504 30.34 2.94 -17.09
N GLU A 505 29.10 3.43 -17.10
CA GLU A 505 28.67 4.51 -16.21
C GLU A 505 27.31 4.16 -15.61
N THR A 506 27.05 4.66 -14.41
CA THR A 506 25.78 4.47 -13.73
C THR A 506 25.02 5.79 -13.68
N LEU A 507 23.77 5.77 -14.16
CA LEU A 507 22.99 6.98 -14.41
C LEU A 507 21.61 6.87 -13.76
N GLU A 508 20.94 8.00 -13.59
CA GLU A 508 19.52 8.03 -13.23
C GLU A 508 18.75 8.97 -14.15
N THR A 509 17.65 8.46 -14.71
CA THR A 509 16.79 9.20 -15.63
C THR A 509 15.45 9.53 -14.99
N TRP A 510 14.98 10.76 -15.21
CA TRP A 510 13.67 11.23 -14.79
C TRP A 510 12.77 11.35 -16.02
N VAL A 511 11.69 10.57 -16.05
CA VAL A 511 10.69 10.65 -17.11
C VAL A 511 9.36 11.09 -16.50
N MET A 512 8.62 11.93 -17.24
CA MET A 512 7.36 12.50 -16.80
C MET A 512 6.32 12.33 -17.89
N PRO A 513 5.08 11.98 -17.54
CA PRO A 513 4.06 11.78 -18.59
C PRO A 513 3.54 13.10 -19.13
N LYS A 514 3.27 13.12 -20.43
CA LYS A 514 2.70 14.29 -21.07
C LYS A 514 1.24 14.46 -20.68
N LYS A 515 0.81 15.71 -20.56
CA LYS A 515 -0.60 16.01 -20.26
C LYS A 515 -1.47 15.64 -21.46
N VAL A 516 -2.58 14.94 -21.19
CA VAL A 516 -3.41 14.43 -22.27
C VAL A 516 -4.90 14.74 -22.05
N PHE A 517 -5.27 15.19 -20.86
CA PHE A 517 -6.65 15.57 -20.61
C PHE A 517 -6.93 16.93 -21.22
N LYS A 518 -7.92 17.00 -22.11
CA LYS A 518 -8.25 18.23 -22.83
C LYS A 518 -9.74 18.47 -22.79
N ILE A 519 -10.14 19.67 -22.35
CA ILE A 519 -11.54 20.05 -22.24
C ILE A 519 -11.93 20.82 -23.49
N ALA A 520 -13.23 20.84 -23.78
CA ALA A 520 -13.78 21.62 -24.88
C ALA A 520 -15.07 22.30 -24.42
N SER A 521 -15.33 23.48 -24.98
CA SER A 521 -16.51 24.27 -24.61
C SER A 521 -17.78 23.43 -24.69
N GLY A 527 -20.40 23.02 -17.39
CA GLY A 527 -20.39 21.61 -17.06
C GLY A 527 -19.67 21.31 -15.75
N ARG A 528 -19.96 20.16 -15.16
CA ARG A 528 -19.36 19.81 -13.87
C ARG A 528 -18.16 18.89 -14.00
N LEU A 529 -17.73 18.56 -15.22
CA LEU A 529 -16.57 17.68 -15.39
C LEU A 529 -15.29 18.43 -15.04
N GLN A 530 -14.47 17.82 -14.19
CA GLN A 530 -13.20 18.39 -13.77
C GLN A 530 -11.99 17.62 -14.27
N PHE A 531 -12.09 16.30 -14.42
CA PHE A 531 -10.95 15.49 -14.81
C PHE A 531 -11.44 14.14 -15.29
N SER A 532 -10.59 13.48 -16.08
CA SER A 532 -10.87 12.15 -16.61
C SER A 532 -9.56 11.40 -16.78
N GLU A 533 -9.55 10.13 -16.41
CA GLU A 533 -8.32 9.34 -16.40
C GLU A 533 -8.66 7.88 -16.66
N VAL A 534 -7.74 7.18 -17.33
CA VAL A 534 -7.81 5.74 -17.54
C VAL A 534 -6.65 5.08 -16.80
N GLY A 535 -6.93 3.97 -16.11
CA GLY A 535 -5.91 3.30 -15.34
C GLY A 535 -6.34 1.90 -14.93
N THR A 536 -5.57 1.32 -14.02
CA THR A 536 -5.91 0.06 -13.38
C THR A 536 -5.67 0.16 -11.88
N ASP A 537 -6.25 -0.80 -11.15
CA ASP A 537 -6.14 -0.87 -9.69
C ASP A 537 -6.71 0.40 -9.03
N TRP A 538 -8.00 0.64 -9.28
CA TRP A 538 -8.68 1.78 -8.68
C TRP A 538 -8.91 1.53 -7.19
N ASP A 539 -8.50 2.49 -6.37
CA ASP A 539 -8.66 2.44 -4.91
C ASP A 539 -9.91 3.24 -4.57
N ALA A 540 -11.00 2.54 -4.25
CA ALA A 540 -12.27 3.21 -4.03
C ALA A 540 -12.28 4.03 -2.75
N LYS A 541 -11.42 3.71 -1.80
CA LYS A 541 -11.39 4.43 -0.52
C LYS A 541 -10.65 5.76 -0.65
N GLU A 542 -9.49 5.76 -1.31
CA GLU A 542 -8.74 6.98 -1.54
C GLU A 542 -9.03 7.62 -2.90
N ARG A 543 -9.81 6.95 -3.74
CA ARG A 543 -10.30 7.52 -5.00
C ARG A 543 -9.13 7.93 -5.90
N LEU A 544 -8.32 6.93 -6.25
CA LEU A 544 -7.19 7.13 -7.15
C LEU A 544 -6.73 5.78 -7.66
N PHE A 545 -5.92 5.82 -8.73
CA PHE A 545 -5.29 4.63 -9.29
C PHE A 545 -3.97 4.37 -8.61
N ARG A 546 -3.79 3.15 -8.07
CA ARG A 546 -2.53 2.77 -7.43
C ARG A 546 -1.45 2.34 -8.43
N ASN A 547 -1.80 2.16 -9.70
CA ASN A 547 -0.83 2.05 -10.79
C ASN A 547 -0.53 3.47 -11.26
N PHE A 548 0.39 4.12 -10.53
CA PHE A 548 0.51 5.58 -10.62
C PHE A 548 0.89 6.06 -12.02
N GLY A 549 1.70 5.30 -12.74
CA GLY A 549 2.10 5.74 -14.06
C GLY A 549 1.16 5.39 -15.19
N GLY A 550 0.06 4.69 -14.92
CA GLY A 550 -0.79 4.21 -15.99
C GLY A 550 -0.09 3.27 -16.94
N LEU A 551 0.79 2.42 -16.42
CA LEU A 551 1.50 1.46 -17.25
C LEU A 551 0.58 0.32 -17.61
N LEU A 552 0.42 0.06 -18.91
CA LEU A 552 -0.54 -0.92 -19.41
C LEU A 552 0.05 -1.72 -20.55
N GLY A 553 -0.33 -3.00 -20.63
CA GLY A 553 0.02 -3.85 -21.74
C GLY A 553 -1.21 -4.43 -22.41
N PRO A 554 -1.01 -5.24 -23.46
CA PRO A 554 -2.16 -5.67 -24.28
C PRO A 554 -3.15 -6.56 -23.55
N MET A 555 -2.79 -7.18 -22.43
CA MET A 555 -3.68 -8.07 -21.70
C MET A 555 -4.27 -7.43 -20.46
N ASP A 556 -4.13 -6.11 -20.30
CA ASP A 556 -4.71 -5.40 -19.16
C ASP A 556 -6.15 -4.99 -19.46
N GLU A 557 -6.93 -4.79 -18.39
CA GLU A 557 -8.34 -4.42 -18.48
C GLU A 557 -8.53 -3.01 -17.94
N PRO A 558 -8.49 -1.98 -18.80
CA PRO A 558 -8.45 -0.60 -18.29
C PRO A 558 -9.78 -0.13 -17.71
N VAL A 559 -9.69 0.84 -16.80
CA VAL A 559 -10.83 1.41 -16.09
C VAL A 559 -10.90 2.90 -16.42
N GLY A 560 -12.09 3.37 -16.77
CA GLY A 560 -12.31 4.78 -17.05
C GLY A 560 -12.95 5.49 -15.86
N MET A 561 -12.31 6.58 -15.44
CA MET A 561 -12.75 7.35 -14.29
C MET A 561 -13.04 8.80 -14.67
N GLN A 562 -14.04 9.38 -14.02
CA GLN A 562 -14.38 10.78 -14.19
C GLN A 562 -14.54 11.44 -12.82
N LYS A 563 -14.15 12.71 -12.74
CA LYS A 563 -14.22 13.51 -11.52
C LYS A 563 -15.11 14.72 -11.77
N TRP A 564 -16.06 14.97 -10.86
CA TRP A 564 -17.11 15.95 -11.07
C TRP A 564 -17.19 16.94 -9.93
N GLY A 565 -17.57 18.17 -10.28
CA GLY A 565 -17.91 19.18 -9.29
C GLY A 565 -19.40 19.21 -9.00
N LYS A 566 -19.77 20.06 -8.05
CA LYS A 566 -21.17 20.15 -7.63
C LYS A 566 -22.04 20.68 -8.76
N GLY A 567 -23.32 20.34 -8.70
CA GLY A 567 -24.28 20.83 -9.67
C GLY A 567 -25.46 19.88 -9.84
N PRO A 568 -26.39 20.21 -10.73
CA PRO A 568 -27.55 19.36 -10.94
C PRO A 568 -27.17 18.09 -11.70
N ASN A 569 -28.03 17.08 -11.57
CA ASN A 569 -27.74 15.80 -12.20
C ASN A 569 -27.75 15.93 -13.72
N VAL A 570 -26.95 15.09 -14.37
CA VAL A 570 -26.75 15.17 -15.81
C VAL A 570 -26.34 13.79 -16.31
N THR A 571 -26.53 13.54 -17.60
CA THR A 571 -26.16 12.29 -18.24
C THR A 571 -25.21 12.57 -19.39
N VAL A 572 -24.14 11.75 -19.49
CA VAL A 572 -23.12 11.94 -20.51
C VAL A 572 -22.84 10.62 -21.21
N THR A 573 -22.17 10.71 -22.36
CA THR A 573 -21.82 9.56 -23.18
C THR A 573 -20.31 9.37 -23.18
N VAL A 574 -19.86 8.14 -22.94
CA VAL A 574 -18.44 7.79 -22.97
C VAL A 574 -18.18 6.91 -24.18
N ILE A 575 -17.09 7.20 -24.90
CA ILE A 575 -16.72 6.48 -26.12
C ILE A 575 -15.26 6.10 -26.04
N TRP A 576 -14.96 4.81 -26.21
CA TRP A 576 -13.59 4.30 -26.22
C TRP A 576 -13.16 4.03 -27.67
N VAL A 577 -12.02 4.61 -28.06
CA VAL A 577 -11.53 4.57 -29.43
C VAL A 577 -10.12 3.98 -29.45
N ASP A 578 -9.90 2.98 -30.30
CA ASP A 578 -8.63 2.26 -30.32
C ASP A 578 -7.66 2.90 -31.32
N PRO A 579 -6.41 2.41 -31.40
CA PRO A 579 -5.38 3.17 -32.14
C PRO A 579 -5.60 3.30 -33.65
N VAL A 580 -6.48 2.52 -34.26
CA VAL A 580 -6.78 2.70 -35.68
C VAL A 580 -8.22 3.13 -35.88
N ASN A 581 -8.78 3.79 -34.86
CA ASN A 581 -10.10 4.41 -34.88
C ASN A 581 -11.24 3.39 -34.85
N VAL A 582 -10.99 2.19 -34.35
CA VAL A 582 -12.07 1.24 -34.08
C VAL A 582 -12.75 1.68 -32.79
N ILE A 583 -14.07 1.88 -32.84
CA ILE A 583 -14.85 2.26 -31.66
C ILE A 583 -15.17 0.98 -30.90
N ALA A 584 -14.55 0.82 -29.72
CA ALA A 584 -14.65 -0.43 -28.97
C ALA A 584 -15.85 -0.47 -28.03
N ALA A 585 -16.31 0.67 -27.52
CA ALA A 585 -17.40 0.66 -26.55
C ALA A 585 -18.04 2.04 -26.48
N THR A 586 -19.34 2.05 -26.20
CA THR A 586 -20.12 3.27 -26.02
C THR A 586 -21.15 3.04 -24.94
N TYR A 587 -21.29 4.00 -24.01
CA TYR A 587 -22.30 3.87 -22.98
C TYR A 587 -22.58 5.22 -22.35
N ASP A 588 -23.79 5.38 -21.84
CA ASP A 588 -24.21 6.55 -21.10
C ASP A 588 -24.14 6.27 -19.61
N ILE A 589 -23.90 7.32 -18.83
CA ILE A 589 -23.83 7.21 -17.38
C ILE A 589 -24.53 8.40 -16.74
N LEU A 590 -25.21 8.16 -15.64
CA LEU A 590 -25.90 9.20 -14.88
C LEU A 590 -24.95 9.81 -13.87
N ILE A 591 -24.89 11.14 -13.81
CA ILE A 591 -24.05 11.86 -12.88
C ILE A 591 -25.00 12.55 -11.89
N GLU A 592 -25.20 11.92 -10.74
CA GLU A 592 -26.12 12.47 -9.75
C GLU A 592 -25.60 13.79 -9.20
N SER A 593 -26.52 14.54 -8.57
CA SER A 593 -26.17 15.85 -8.04
C SER A 593 -25.07 15.77 -6.98
N THR A 594 -24.98 14.64 -6.28
CA THR A 594 -24.04 14.49 -5.18
C THR A 594 -22.79 13.68 -5.56
N ALA A 595 -22.69 13.22 -6.80
CA ALA A 595 -21.57 12.40 -7.20
C ALA A 595 -20.29 13.23 -7.31
N GLU A 596 -19.17 12.64 -6.87
CA GLU A 596 -17.86 13.25 -6.97
C GLU A 596 -16.92 12.50 -7.91
N PHE A 597 -17.01 11.17 -7.93
CA PHE A 597 -16.25 10.35 -8.85
C PHE A 597 -17.18 9.30 -9.46
N THR A 598 -16.86 8.90 -10.68
CA THR A 598 -17.53 7.79 -11.35
C THR A 598 -16.47 6.97 -12.08
N HIS A 599 -16.72 5.68 -12.20
CA HIS A 599 -15.76 4.81 -12.88
C HIS A 599 -16.47 3.57 -13.37
N TYR A 600 -15.88 2.94 -14.39
CA TYR A 600 -16.48 1.79 -15.03
C TYR A 600 -15.40 1.06 -15.83
N LYS A 601 -15.51 -0.27 -15.85
CA LYS A 601 -14.53 -1.13 -16.52
C LYS A 601 -15.22 -1.84 -17.68
N PRO A 602 -15.11 -1.35 -18.90
CA PRO A 602 -15.85 -1.97 -20.01
C PRO A 602 -15.32 -3.36 -20.31
N PRO A 603 -16.20 -4.31 -20.69
CA PRO A 603 -15.74 -5.69 -20.95
C PRO A 603 -15.15 -5.87 -22.35
N LEU A 604 -13.90 -5.43 -22.50
CA LEU A 604 -13.24 -5.43 -23.81
C LEU A 604 -12.50 -6.75 -24.01
N ASN A 605 -12.80 -7.43 -25.11
CA ASN A 605 -12.08 -8.65 -25.46
C ASN A 605 -10.60 -8.37 -25.62
N LEU A 606 -9.78 -9.36 -25.29
CA LEU A 606 -8.34 -9.23 -25.28
C LEU A 606 -7.70 -10.08 -26.37
N PRO A 607 -6.49 -9.72 -26.83
CA PRO A 607 -5.70 -8.56 -26.39
C PRO A 607 -6.14 -7.23 -27.03
N LEU A 608 -5.90 -6.14 -26.32
CA LEU A 608 -6.15 -4.81 -26.86
C LEU A 608 -5.08 -4.47 -27.91
N ARG A 609 -5.50 -3.77 -28.95
CA ARG A 609 -4.55 -3.38 -30.00
C ARG A 609 -3.56 -2.37 -29.42
N PRO A 610 -2.25 -2.57 -29.60
CA PRO A 610 -1.29 -1.63 -29.00
C PRO A 610 -1.31 -0.29 -29.71
N GLY A 611 -0.94 0.76 -28.96
CA GLY A 611 -0.88 2.11 -29.45
C GLY A 611 -1.61 3.06 -28.52
N VAL A 612 -1.86 4.28 -29.00
CA VAL A 612 -2.50 5.31 -28.20
C VAL A 612 -4.01 5.21 -28.41
N TRP A 613 -4.71 4.83 -27.34
CA TRP A 613 -6.17 4.87 -27.29
C TRP A 613 -6.66 6.25 -26.86
N THR A 614 -7.92 6.54 -27.18
CA THR A 614 -8.57 7.78 -26.79
C THR A 614 -9.93 7.48 -26.17
N VAL A 615 -10.26 8.19 -25.09
CA VAL A 615 -11.57 8.08 -24.45
C VAL A 615 -12.22 9.45 -24.47
N LYS A 616 -13.39 9.54 -25.09
CA LYS A 616 -14.11 10.80 -25.25
C LYS A 616 -15.37 10.83 -24.40
N ILE A 617 -15.74 12.04 -23.98
CA ILE A 617 -16.97 12.28 -23.24
C ILE A 617 -17.80 13.29 -24.03
N LEU A 618 -19.06 12.96 -24.29
CA LEU A 618 -19.97 13.83 -25.02
C LEU A 618 -21.22 14.08 -24.20
N HIS A 619 -21.88 15.20 -24.50
CA HIS A 619 -23.18 15.54 -23.91
C HIS A 619 -24.14 15.78 -25.07
N HIS A 620 -24.92 14.75 -25.40
CA HIS A 620 -25.84 14.80 -26.54
C HIS A 620 -25.08 15.12 -27.83
N TRP A 621 -23.99 14.39 -28.03
CA TRP A 621 -23.12 14.49 -29.20
C TRP A 621 -22.35 15.81 -29.24
N VAL A 622 -22.49 16.66 -28.23
CA VAL A 622 -21.66 17.85 -28.08
C VAL A 622 -20.39 17.45 -27.35
N PRO A 623 -19.19 17.76 -27.87
CA PRO A 623 -17.97 17.37 -27.17
C PRO A 623 -17.84 18.06 -25.81
N VAL A 624 -17.33 17.30 -24.84
CA VAL A 624 -17.05 17.82 -23.50
C VAL A 624 -15.55 17.81 -23.22
N ALA A 625 -14.92 16.64 -23.34
CA ALA A 625 -13.49 16.51 -23.06
C ALA A 625 -13.01 15.18 -23.64
N GLU A 626 -11.72 14.92 -23.48
CA GLU A 626 -11.13 13.67 -23.92
C GLU A 626 -9.83 13.45 -23.16
N THR A 627 -9.44 12.18 -23.06
CA THR A 627 -8.12 11.83 -22.54
C THR A 627 -7.57 10.71 -23.41
N LYS A 628 -6.29 10.40 -23.20
CA LYS A 628 -5.60 9.38 -23.96
C LYS A 628 -4.84 8.46 -23.02
N PHE A 629 -4.51 7.26 -23.51
CA PHE A 629 -3.72 6.32 -22.73
C PHE A 629 -3.01 5.37 -23.67
N LEU A 630 -1.90 4.80 -23.19
CA LEU A 630 -1.01 3.99 -24.01
C LEU A 630 -1.12 2.52 -23.64
N VAL A 631 -1.43 1.69 -24.63
CA VAL A 631 -1.29 0.25 -24.52
C VAL A 631 0.04 -0.10 -25.18
N ALA A 632 1.02 -0.49 -24.37
CA ALA A 632 2.36 -0.69 -24.90
C ALA A 632 2.50 -2.10 -25.49
N PRO A 633 3.13 -2.25 -26.65
CA PRO A 633 3.58 -3.58 -27.07
C PRO A 633 4.71 -4.03 -26.17
N LEU A 634 4.74 -5.33 -25.88
CA LEU A 634 5.70 -5.91 -24.96
C LEU A 634 6.91 -6.45 -25.71
N THR A 635 8.10 -6.15 -25.20
CA THR A 635 9.36 -6.67 -25.73
C THR A 635 9.86 -7.89 -24.97
N PHE A 636 9.18 -8.29 -23.90
CA PHE A 636 9.57 -9.44 -23.10
C PHE A 636 8.40 -10.40 -22.93
N SER A 637 8.73 -11.68 -22.88
CA SER A 637 7.79 -12.74 -22.53
C SER A 637 8.49 -13.64 -21.52
N ASN A 638 7.93 -13.76 -20.32
CA ASN A 638 8.58 -14.46 -19.22
C ASN A 638 9.98 -13.91 -18.99
N ARG A 639 10.14 -12.60 -19.11
CA ARG A 639 11.38 -11.87 -18.86
C ARG A 639 12.48 -12.20 -19.86
N GLN A 640 12.13 -12.84 -20.99
CA GLN A 640 13.06 -13.08 -22.09
C GLN A 640 12.54 -12.40 -23.36
N PRO A 641 13.43 -12.00 -24.28
CA PRO A 641 12.98 -11.34 -25.50
C PRO A 641 11.87 -12.13 -26.20
N ILE A 642 10.86 -11.41 -26.67
CA ILE A 642 9.66 -12.02 -27.22
C ILE A 642 9.95 -12.53 -28.63
N LYS A 643 9.39 -13.71 -28.95
CA LYS A 643 9.65 -14.37 -30.22
C LYS A 643 8.57 -14.04 -31.24
N PRO A 644 8.87 -14.19 -32.54
CA PRO A 644 7.90 -13.76 -33.57
C PRO A 644 6.49 -14.30 -33.38
N GLU A 645 6.35 -15.58 -33.07
CA GLU A 645 5.02 -16.15 -32.92
C GLU A 645 4.33 -15.61 -31.67
N GLU A 646 5.08 -15.37 -30.59
CA GLU A 646 4.50 -14.76 -29.41
C GLU A 646 3.99 -13.36 -29.70
N ALA A 647 4.78 -12.57 -30.44
CA ALA A 647 4.40 -11.18 -30.70
C ALA A 647 3.16 -11.08 -31.57
N LEU A 648 3.05 -11.95 -32.58
CA LEU A 648 1.91 -11.89 -33.48
C LEU A 648 0.61 -12.19 -32.74
N LYS A 649 0.64 -13.18 -31.84
CA LYS A 649 -0.54 -13.50 -31.05
C LYS A 649 -0.91 -12.37 -30.10
N LEU A 650 0.07 -11.57 -29.67
CA LEU A 650 -0.15 -10.60 -28.61
C LEU A 650 -0.47 -9.20 -29.13
N HIS A 651 -0.08 -8.87 -30.36
CA HIS A 651 -0.05 -7.49 -30.81
C HIS A 651 -0.96 -7.18 -31.98
N ASN A 652 -1.84 -8.10 -32.38
CA ASN A 652 -2.68 -7.90 -33.56
C ASN A 652 -4.15 -7.72 -33.21
N GLY A 653 -4.46 -7.32 -31.98
CA GLY A 653 -5.82 -7.02 -31.60
C GLY A 653 -6.59 -8.24 -31.13
N PRO A 654 -7.86 -8.02 -30.75
CA PRO A 654 -8.61 -9.07 -30.05
C PRO A 654 -8.80 -10.33 -30.88
N LEU A 655 -8.79 -11.47 -30.19
CA LEU A 655 -8.90 -12.77 -30.84
C LEU A 655 -10.26 -12.98 -31.50
N ARG A 656 -11.26 -12.22 -31.11
CA ARG A 656 -12.58 -12.31 -31.73
C ARG A 656 -12.78 -11.30 -32.85
N ASN A 657 -11.74 -10.54 -33.20
CA ASN A 657 -11.81 -9.52 -34.25
C ASN A 657 -12.61 -8.31 -33.79
N ALA A 658 -13.24 -8.40 -32.62
CA ALA A 658 -14.12 -7.37 -32.11
C ALA A 658 -13.94 -7.26 -30.61
N TYR A 659 -14.07 -6.04 -30.09
CA TYR A 659 -13.91 -5.82 -28.66
C TYR A 659 -15.15 -6.23 -27.88
N MET A 660 -16.33 -6.14 -28.48
CA MET A 660 -17.58 -6.56 -27.84
C MET A 660 -18.49 -7.15 -28.90
N GLU A 661 -19.53 -7.85 -28.44
CA GLU A 661 -20.50 -8.44 -29.37
C GLU A 661 -21.20 -7.34 -30.16
N GLN A 662 -21.64 -6.29 -29.49
CA GLN A 662 -22.30 -5.18 -30.16
C GLN A 662 -21.26 -4.32 -30.87
N SER A 663 -21.57 -3.94 -32.11
CA SER A 663 -20.68 -3.14 -32.94
C SER A 663 -21.14 -1.70 -32.99
N PHE A 664 -20.19 -0.81 -33.28
CA PHE A 664 -20.44 0.63 -33.30
C PHE A 664 -19.92 1.27 -34.58
N GLN A 665 -19.83 0.49 -35.66
CA GLN A 665 -19.32 1.04 -36.92
C GLN A 665 -20.19 2.16 -37.46
N SER A 666 -21.48 2.20 -37.09
CA SER A 666 -22.35 3.27 -37.54
C SER A 666 -22.02 4.61 -36.89
N LEU A 667 -21.10 4.64 -35.93
CA LEU A 667 -20.74 5.87 -35.25
C LEU A 667 -19.50 6.55 -35.82
N ASN A 668 -18.64 5.82 -36.54
CA ASN A 668 -17.42 6.41 -37.07
C ASN A 668 -17.68 7.65 -37.92
N PRO A 669 -18.58 7.63 -38.90
CA PRO A 669 -18.82 8.88 -39.67
C PRO A 669 -19.37 10.00 -38.81
N VAL A 670 -20.24 9.69 -37.86
CA VAL A 670 -20.87 10.73 -37.04
C VAL A 670 -19.82 11.50 -36.25
N LEU A 671 -18.81 10.80 -35.75
CA LEU A 671 -17.80 11.41 -34.89
C LEU A 671 -16.53 11.80 -35.63
N SER A 672 -16.55 11.73 -36.97
CA SER A 672 -15.38 12.06 -37.79
C SER A 672 -14.17 11.23 -37.38
N LEU A 673 -14.38 9.90 -37.28
CA LEU A 673 -13.33 8.95 -36.95
C LEU A 673 -13.19 7.93 -38.07
N PRO A 674 -12.79 8.35 -39.26
CA PRO A 674 -12.66 7.40 -40.38
C PRO A 674 -11.50 6.44 -40.14
N ILE A 675 -11.72 5.19 -40.54
CA ILE A 675 -10.71 4.14 -40.42
C ILE A 675 -9.90 4.11 -41.71
N ASN A 676 -8.60 4.40 -41.60
CA ASN A 676 -7.72 4.50 -42.75
C ASN A 676 -7.17 3.11 -43.10
N PRO A 677 -7.43 2.58 -44.30
CA PRO A 677 -6.91 1.24 -44.62
C PRO A 677 -5.40 1.15 -44.58
N ALA A 678 -4.67 2.23 -44.84
CA ALA A 678 -3.22 2.19 -44.79
C ALA A 678 -2.74 2.00 -43.37
N GLN A 679 -3.30 2.77 -42.43
CA GLN A 679 -2.91 2.64 -41.02
C GLN A 679 -3.26 1.26 -40.48
N VAL A 680 -4.38 0.69 -40.92
CA VAL A 680 -4.75 -0.65 -40.48
C VAL A 680 -3.70 -1.66 -40.92
N GLU A 681 -3.25 -1.56 -42.17
CA GLU A 681 -2.24 -2.49 -42.67
C GLU A 681 -0.92 -2.32 -41.93
N GLN A 682 -0.53 -1.07 -41.66
CA GLN A 682 0.70 -0.83 -40.92
C GLN A 682 0.63 -1.42 -39.51
N ALA A 683 -0.56 -1.44 -38.90
CA ALA A 683 -0.69 -2.07 -37.59
C ALA A 683 -0.53 -3.58 -37.69
N ARG A 684 -0.98 -4.18 -38.79
CA ARG A 684 -0.73 -5.61 -39.01
C ARG A 684 0.76 -5.88 -39.14
N ARG A 685 1.48 -5.02 -39.88
CA ARG A 685 2.92 -5.18 -40.02
C ARG A 685 3.62 -5.01 -38.68
N ASN A 686 3.26 -3.97 -37.93
CA ASN A 686 3.86 -3.74 -36.62
C ASN A 686 3.67 -4.96 -35.71
N ALA A 687 2.56 -5.68 -35.87
CA ALA A 687 2.26 -6.78 -34.97
C ALA A 687 3.23 -7.94 -35.15
N ALA A 688 3.78 -8.12 -36.35
CA ALA A 688 4.66 -9.25 -36.62
C ALA A 688 6.13 -8.97 -36.32
N SER A 689 6.47 -7.80 -35.78
CA SER A 689 7.86 -7.42 -35.64
C SER A 689 8.42 -7.84 -34.29
N THR A 690 9.75 -7.97 -34.26
CA THR A 690 10.48 -8.31 -33.05
C THR A 690 11.80 -7.55 -33.06
N GLY A 691 12.62 -7.77 -32.04
CA GLY A 691 13.96 -7.21 -32.03
C GLY A 691 13.99 -5.71 -32.24
N THR A 692 14.87 -5.27 -33.15
CA THR A 692 15.11 -3.84 -33.34
C THR A 692 13.90 -3.12 -33.89
N ALA A 693 13.17 -3.75 -34.81
CA ALA A 693 11.96 -3.14 -35.35
C ALA A 693 10.94 -2.91 -34.24
N LEU A 694 10.71 -3.92 -33.40
CA LEU A 694 9.76 -3.78 -32.30
C LEU A 694 10.22 -2.71 -31.31
N GLU A 695 11.52 -2.65 -31.04
CA GLU A 695 12.04 -1.63 -30.13
C GLU A 695 11.77 -0.23 -30.66
N GLY A 696 11.89 -0.04 -31.98
CA GLY A 696 11.63 1.27 -32.55
C GLY A 696 10.15 1.66 -32.49
N TRP A 697 9.27 0.70 -32.74
CA TRP A 697 7.84 0.94 -32.59
C TRP A 697 7.48 1.32 -31.16
N LEU A 698 7.94 0.51 -30.19
CA LEU A 698 7.68 0.81 -28.78
C LEU A 698 8.21 2.21 -28.41
N ASP A 699 9.46 2.49 -28.75
CA ASP A 699 10.07 3.73 -28.27
C ASP A 699 9.42 4.95 -28.90
N SER A 700 8.97 4.86 -30.15
CA SER A 700 8.25 6.00 -30.74
C SER A 700 6.91 6.22 -30.05
N LEU A 701 6.23 5.15 -29.62
CA LEU A 701 5.01 5.30 -28.85
C LEU A 701 5.30 5.94 -27.49
N VAL A 702 6.29 5.40 -26.77
CA VAL A 702 6.60 5.93 -25.43
C VAL A 702 7.02 7.40 -25.53
N GLY A 703 7.83 7.73 -26.54
CA GLY A 703 8.27 9.11 -26.69
C GLY A 703 7.13 10.08 -26.98
N GLY A 704 6.05 9.58 -27.57
CA GLY A 704 4.89 10.42 -27.81
C GLY A 704 4.06 10.70 -26.57
N MET A 705 4.26 9.93 -25.50
CA MET A 705 3.45 10.07 -24.29
C MET A 705 4.27 10.37 -23.04
N TRP A 706 5.60 10.32 -23.13
CA TRP A 706 6.49 10.57 -22.00
C TRP A 706 7.62 11.48 -22.45
N THR A 707 8.14 12.27 -21.50
CA THR A 707 9.28 13.13 -21.74
C THR A 707 10.40 12.76 -20.77
N ALA A 708 11.63 12.66 -21.29
CA ALA A 708 12.80 12.52 -20.43
C ALA A 708 13.20 13.91 -19.97
N MET A 709 12.90 14.23 -18.71
CA MET A 709 13.08 15.58 -18.18
C MET A 709 14.54 15.89 -17.92
N ASP A 710 15.32 14.91 -17.49
CA ASP A 710 16.71 15.12 -17.13
C ASP A 710 17.36 13.77 -16.90
N ILE A 711 18.70 13.76 -16.91
CA ILE A 711 19.48 12.56 -16.63
C ILE A 711 20.77 13.00 -15.94
N CYS A 712 21.19 12.25 -14.93
CA CYS A 712 22.37 12.57 -14.14
C CYS A 712 23.25 11.33 -13.97
N ALA A 713 24.49 11.56 -13.58
CA ALA A 713 25.45 10.49 -13.32
C ALA A 713 25.69 10.35 -11.83
N THR A 714 25.72 9.10 -11.35
CA THR A 714 25.95 8.86 -9.93
C THR A 714 27.43 8.98 -9.58
N GLY A 715 28.31 8.53 -10.47
CA GLY A 715 29.73 8.69 -10.29
C GLY A 715 30.37 9.48 -11.41
N PRO A 716 31.66 9.29 -11.62
CA PRO A 716 32.35 9.99 -12.72
C PRO A 716 31.67 9.77 -14.06
N THR A 717 31.83 10.75 -14.95
CA THR A 717 31.21 10.69 -16.27
C THR A 717 32.09 11.45 -17.25
N ALA A 718 32.13 10.97 -18.49
CA ALA A 718 32.82 11.63 -19.58
C ALA A 718 31.91 12.55 -20.40
N CYS A 719 30.63 12.65 -20.05
CA CYS A 719 29.70 13.51 -20.75
C CYS A 719 29.75 14.91 -20.14
N PRO A 720 30.20 15.94 -20.87
CA PRO A 720 30.47 17.24 -20.22
C PRO A 720 29.24 17.94 -19.67
N VAL A 721 28.04 17.63 -20.15
CA VAL A 721 26.85 18.39 -19.79
C VAL A 721 25.97 17.69 -18.76
N MET A 722 26.45 16.57 -18.21
CA MET A 722 25.66 15.80 -17.26
C MET A 722 26.03 16.18 -15.84
N GLN A 723 25.02 16.47 -15.04
CA GLN A 723 25.19 16.83 -13.64
C GLN A 723 25.36 15.58 -12.78
N THR A 724 26.03 15.76 -11.64
CA THR A 724 26.14 14.70 -10.65
C THR A 724 24.82 14.56 -9.90
N CYS A 725 24.32 13.34 -9.75
CA CYS A 725 22.98 13.13 -9.21
C CYS A 725 22.80 13.78 -7.85
N SER A 726 23.80 13.66 -6.96
CA SER A 726 23.67 14.21 -5.62
C SER A 726 23.51 15.73 -5.62
N GLN A 727 23.84 16.41 -6.71
CA GLN A 727 23.76 17.86 -6.80
C GLN A 727 22.48 18.34 -7.45
N THR A 728 21.58 17.45 -7.85
CA THR A 728 20.30 17.85 -8.40
C THR A 728 19.27 18.04 -7.29
N ALA A 729 18.11 18.57 -7.66
CA ALA A 729 16.99 18.70 -6.74
C ALA A 729 16.03 17.52 -6.82
N TRP A 730 16.13 16.69 -7.86
CA TRP A 730 15.11 15.69 -8.16
C TRP A 730 15.57 14.25 -7.98
N SER A 731 16.88 14.00 -7.94
CA SER A 731 17.38 12.63 -7.91
C SER A 731 17.11 11.94 -6.57
N SER A 732 16.96 10.61 -6.61
CA SER A 732 16.87 9.82 -5.39
C SER A 732 18.18 9.82 -4.61
N PHE A 733 19.26 10.35 -5.20
CA PHE A 733 20.54 10.51 -4.52
C PHE A 733 20.72 11.90 -3.92
N SER A 734 19.80 12.83 -4.15
CA SER A 734 19.96 14.18 -3.61
C SER A 734 19.58 14.20 -2.13
N PRO A 735 19.98 15.26 -1.41
CA PRO A 735 19.75 15.28 0.04
C PRO A 735 18.27 15.30 0.41
N ASP A 736 17.91 14.51 1.43
CA ASP A 736 16.53 14.41 1.92
C ASP A 736 16.54 14.36 3.45
N PRO A 737 17.00 15.44 4.10
CA PRO A 737 17.25 15.37 5.56
C PRO A 737 16.03 15.00 6.40
N LYS A 738 14.80 15.24 5.93
CA LYS A 738 13.65 14.89 6.74
C LYS A 738 13.50 13.38 6.96
N SER A 739 14.12 12.56 6.11
CA SER A 739 14.05 11.11 6.26
C SER A 739 15.41 10.49 6.59
N GLU A 740 16.42 11.30 6.87
CA GLU A 740 17.77 10.81 7.14
C GLU A 740 17.99 10.70 8.65
N LEU A 741 18.71 9.65 9.05
CA LEU A 741 18.93 9.34 10.45
C LEU A 741 20.43 9.41 10.75
N GLY A 742 20.79 10.23 11.73
CA GLY A 742 22.19 10.41 12.09
C GLY A 742 22.51 10.09 13.53
N ALA A 743 23.40 10.88 14.13
CA ALA A 743 23.85 10.64 15.49
C ALA A 743 22.81 11.10 16.50
N VAL A 744 22.77 10.39 17.64
CA VAL A 744 21.88 10.78 18.73
C VAL A 744 22.40 12.06 19.36
N LYS A 745 21.47 12.96 19.68
CA LYS A 745 21.81 14.28 20.20
C LYS A 745 21.91 14.25 21.72
N PRO A 746 22.42 15.34 22.33
CA PRO A 746 22.50 15.39 23.80
C PRO A 746 21.17 15.16 24.50
N ASP A 747 20.06 15.63 23.94
CA ASP A 747 18.75 15.43 24.56
C ASP A 747 18.19 14.03 24.29
N GLY A 748 18.96 13.15 23.65
CA GLY A 748 18.52 11.80 23.38
C GLY A 748 17.67 11.61 22.16
N ARG A 749 17.55 12.64 21.31
CA ARG A 749 16.65 12.63 20.18
C ARG A 749 17.42 12.55 18.86
N LEU A 750 16.69 12.19 17.80
CA LEU A 750 17.18 12.31 16.43
C LEU A 750 16.55 13.48 15.69
N ARG A 751 15.41 13.97 16.17
CA ARG A 751 14.68 15.04 15.51
C ARG A 751 15.02 16.39 16.15
C1 NAG B . -32.37 14.94 -12.74
C2 NAG B . -32.80 15.21 -14.20
C3 NAG B . -34.32 15.33 -14.30
C4 NAG B . -35.00 14.12 -13.69
C5 NAG B . -34.53 13.96 -12.24
C6 NAG B . -35.10 12.74 -11.57
C7 NAG B . -32.43 17.65 -14.25
C8 NAG B . -31.68 18.76 -14.90
N2 NAG B . -32.16 16.41 -14.70
O3 NAG B . -34.69 15.45 -15.67
O4 NAG B . -36.42 14.29 -13.70
O5 NAG B . -33.10 13.81 -12.23
O6 NAG B . -34.25 12.27 -10.53
O7 NAG B . -33.26 17.84 -13.36
NA NA C . 20.64 -2.62 16.92
P PO4 D . -5.33 -0.99 7.93
O1 PO4 D . -3.89 -1.22 8.32
O2 PO4 D . -5.40 -0.37 6.56
O3 PO4 D . -6.06 -2.32 7.89
O4 PO4 D . -6.00 -0.09 8.94
#